data_2HTO
# 
_entry.id   2HTO 
# 
_audit_conform.dict_name       mmcif_pdbx.dic 
_audit_conform.dict_version    5.389 
_audit_conform.dict_location   http://mmcif.pdb.org/dictionaries/ascii/mmcif_pdbx.dic 
# 
loop_
_database_2.database_id 
_database_2.database_code 
_database_2.pdbx_database_accession 
_database_2.pdbx_DOI 
PDB   2HTO         pdb_00002hto 10.2210/pdb2hto/pdb 
NDB   ZD0017       ?            ?                   
RCSB  RCSB038748   ?            ?                   
WWPDB D_1000038748 ?            ?                   
# 
loop_
_pdbx_audit_revision_history.ordinal 
_pdbx_audit_revision_history.data_content_type 
_pdbx_audit_revision_history.major_revision 
_pdbx_audit_revision_history.minor_revision 
_pdbx_audit_revision_history.revision_date 
1 'Structure model' 1 0 2006-08-08 
2 'Structure model' 1 1 2008-05-01 
3 'Structure model' 1 2 2011-07-13 
4 'Structure model' 1 3 2024-03-13 
5 'Structure model' 1 4 2024-04-03 
# 
_pdbx_audit_revision_details.ordinal             1 
_pdbx_audit_revision_details.revision_ordinal    1 
_pdbx_audit_revision_details.data_content_type   'Structure model' 
_pdbx_audit_revision_details.provider            repository 
_pdbx_audit_revision_details.type                'Initial release' 
_pdbx_audit_revision_details.description         ? 
_pdbx_audit_revision_details.details             ? 
# 
loop_
_pdbx_audit_revision_group.ordinal 
_pdbx_audit_revision_group.revision_ordinal 
_pdbx_audit_revision_group.data_content_type 
_pdbx_audit_revision_group.group 
1 2 'Structure model' 'Version format compliance' 
2 3 'Structure model' 'Version format compliance' 
3 4 'Structure model' 'Data collection'           
4 4 'Structure model' 'Database references'       
5 4 'Structure model' 'Derived calculations'      
6 5 'Structure model' 'Refinement description'    
# 
loop_
_pdbx_audit_revision_category.ordinal 
_pdbx_audit_revision_category.revision_ordinal 
_pdbx_audit_revision_category.data_content_type 
_pdbx_audit_revision_category.category 
1 4 'Structure model' chem_comp_atom                
2 4 'Structure model' chem_comp_bond                
3 4 'Structure model' database_2                    
4 4 'Structure model' struct_site                   
5 5 'Structure model' pdbx_initial_refinement_model 
# 
loop_
_pdbx_audit_revision_item.ordinal 
_pdbx_audit_revision_item.revision_ordinal 
_pdbx_audit_revision_item.data_content_type 
_pdbx_audit_revision_item.item 
1 4 'Structure model' '_database_2.pdbx_DOI'                
2 4 'Structure model' '_database_2.pdbx_database_accession' 
3 4 'Structure model' '_struct_site.pdbx_auth_asym_id'      
4 4 'Structure model' '_struct_site.pdbx_auth_comp_id'      
5 4 'Structure model' '_struct_site.pdbx_auth_seq_id'       
# 
_pdbx_database_status.status_code                     REL 
_pdbx_database_status.entry_id                        2HTO 
_pdbx_database_status.recvd_initial_deposition_date   2006-07-26 
_pdbx_database_status.deposit_site                    RCSB 
_pdbx_database_status.process_site                    PDBJ 
_pdbx_database_status.status_code_sf                  REL 
_pdbx_database_status.status_code_mr                  ? 
_pdbx_database_status.SG_entry                        ? 
_pdbx_database_status.pdb_format_compatible           Y 
_pdbx_database_status.status_code_cs                  ? 
_pdbx_database_status.status_code_nmr_data            ? 
_pdbx_database_status.methods_development_category    ? 
# 
_pdbx_database_related.db_name        PDB 
_pdbx_database_related.db_id          2HTT 
_pdbx_database_related.details        'The same NA in other space group' 
_pdbx_database_related.content_type   unspecified 
# 
loop_
_audit_author.name 
_audit_author.pdbx_ordinal 
'Bharanidharan, D.' 1 
'Thiyagarajan, S.'  2 
'Gautham, N.'       3 
# 
_citation.id                        primary 
_citation.title                     'Hexammineruthenium(III) ion interactions with Z-DNA' 
_citation.journal_abbrev            'Acta Crystallogr.,Sect.F' 
_citation.journal_volume            63 
_citation.page_first                1008 
_citation.page_last                 1013 
_citation.year                      2007 
_citation.journal_id_ASTM           ? 
_citation.country                   DK 
_citation.journal_id_ISSN           1744-3091 
_citation.journal_id_CSD            ? 
_citation.book_publisher            ? 
_citation.pdbx_database_id_PubMed   18084080 
_citation.pdbx_database_id_DOI      10.1107/S1744309107047781 
# 
loop_
_citation_author.citation_id 
_citation_author.name 
_citation_author.ordinal 
_citation_author.identifier_ORCID 
primary 'Bharanidharan, D.' 1 ? 
primary 'Thiyagarajan, S.'  2 ? 
primary 'Gautham, N.'       3 ? 
# 
loop_
_entity.id 
_entity.type 
_entity.src_method 
_entity.pdbx_description 
_entity.formula_weight 
_entity.pdbx_number_of_molecules 
_entity.pdbx_ec 
_entity.pdbx_mutation 
_entity.pdbx_fragment 
_entity.details 
1 polymer     syn 
;DNA (5'-D(*DCP*DGP*DCP*DGP*DCP*DA)-3')
;
1794.206 1  ? ? ? ? 
2 polymer     syn 
;DNA (5'-D(*DTP*DGP*DCP*DGP*DCP*DG)-3')
;
1825.216 1  ? ? ? ? 
3 non-polymer syn 'RUTHENIUM (III) HEXAAMINE ION'          203.253  1  ? ? ? ? 
4 water       nat water                                    18.015   48 ? ? ? ? 
# 
loop_
_entity_poly.entity_id 
_entity_poly.type 
_entity_poly.nstd_linkage 
_entity_poly.nstd_monomer 
_entity_poly.pdbx_seq_one_letter_code 
_entity_poly.pdbx_seq_one_letter_code_can 
_entity_poly.pdbx_strand_id 
_entity_poly.pdbx_target_identifier 
1 polydeoxyribonucleotide no no '(DC)(DG)(DC)(DG)(DC)(DA)' CGCGCA A ? 
2 polydeoxyribonucleotide no no '(DT)(DG)(DC)(DG)(DC)(DG)' TGCGCG B ? 
# 
loop_
_pdbx_entity_nonpoly.entity_id 
_pdbx_entity_nonpoly.name 
_pdbx_entity_nonpoly.comp_id 
3 'RUTHENIUM (III) HEXAAMINE ION' NRU 
4 water                           HOH 
# 
loop_
_entity_poly_seq.entity_id 
_entity_poly_seq.num 
_entity_poly_seq.mon_id 
_entity_poly_seq.hetero 
1 1 DC n 
1 2 DG n 
1 3 DC n 
1 4 DG n 
1 5 DC n 
1 6 DA n 
2 1 DT n 
2 2 DG n 
2 3 DC n 
2 4 DG n 
2 5 DC n 
2 6 DG n 
# 
loop_
_chem_comp.id 
_chem_comp.type 
_chem_comp.mon_nstd_flag 
_chem_comp.name 
_chem_comp.pdbx_synonyms 
_chem_comp.formula 
_chem_comp.formula_weight 
DA  'DNA linking' y "2'-DEOXYADENOSINE-5'-MONOPHOSPHATE" ?                  'C10 H14 N5 O6 P' 331.222 
DC  'DNA linking' y "2'-DEOXYCYTIDINE-5'-MONOPHOSPHATE"  ?                  'C9 H14 N3 O7 P'  307.197 
DG  'DNA linking' y "2'-DEOXYGUANOSINE-5'-MONOPHOSPHATE" ?                  'C10 H14 N5 O7 P' 347.221 
DT  'DNA linking' y "THYMIDINE-5'-MONOPHOSPHATE"         ?                  'C10 H15 N2 O8 P' 322.208 
HOH non-polymer   . WATER                                ?                  'H2 O'            18.015  
NRU non-polymer   . 'RUTHENIUM (III) HEXAAMINE ION'      HEXAAMINORUTHENIUM 'H18 N6 Ru 3'     203.253 
# 
loop_
_pdbx_poly_seq_scheme.asym_id 
_pdbx_poly_seq_scheme.entity_id 
_pdbx_poly_seq_scheme.seq_id 
_pdbx_poly_seq_scheme.mon_id 
_pdbx_poly_seq_scheme.ndb_seq_num 
_pdbx_poly_seq_scheme.pdb_seq_num 
_pdbx_poly_seq_scheme.auth_seq_num 
_pdbx_poly_seq_scheme.pdb_mon_id 
_pdbx_poly_seq_scheme.auth_mon_id 
_pdbx_poly_seq_scheme.pdb_strand_id 
_pdbx_poly_seq_scheme.pdb_ins_code 
_pdbx_poly_seq_scheme.hetero 
A 1 1 DC 1 1  1  DC C A . n 
A 1 2 DG 2 2  2  DG G A . n 
A 1 3 DC 3 3  3  DC C A . n 
A 1 4 DG 4 4  4  DG G A . n 
A 1 5 DC 5 5  5  DC C A . n 
A 1 6 DA 6 6  6  DA A A . n 
B 2 1 DT 1 7  7  DT T B . n 
B 2 2 DG 2 8  8  DG G B . n 
B 2 3 DC 3 9  9  DC C B . n 
B 2 4 DG 4 10 10 DG G B . n 
B 2 5 DC 5 11 11 DC C B . n 
B 2 6 DG 6 12 12 DG G B . n 
# 
loop_
_pdbx_nonpoly_scheme.asym_id 
_pdbx_nonpoly_scheme.entity_id 
_pdbx_nonpoly_scheme.mon_id 
_pdbx_nonpoly_scheme.ndb_seq_num 
_pdbx_nonpoly_scheme.pdb_seq_num 
_pdbx_nonpoly_scheme.auth_seq_num 
_pdbx_nonpoly_scheme.pdb_mon_id 
_pdbx_nonpoly_scheme.auth_mon_id 
_pdbx_nonpoly_scheme.pdb_strand_id 
_pdbx_nonpoly_scheme.pdb_ins_code 
C 3 NRU 1  13 13 NRU NRU A . 
D 4 HOH 1  15 15 HOH HOH A . 
D 4 HOH 2  18 18 HOH HOH A . 
D 4 HOH 3  19 19 HOH HOH A . 
D 4 HOH 4  21 21 HOH HOH A . 
D 4 HOH 5  24 24 HOH HOH A . 
D 4 HOH 6  25 25 HOH HOH A . 
D 4 HOH 7  26 26 HOH HOH A . 
D 4 HOH 8  28 28 HOH HOH A . 
D 4 HOH 9  29 29 HOH HOH A . 
D 4 HOH 10 33 33 HOH HOH A . 
D 4 HOH 11 36 36 HOH HOH A . 
D 4 HOH 12 37 37 HOH HOH A . 
D 4 HOH 13 38 38 HOH HOH A . 
D 4 HOH 14 43 43 HOH HOH A . 
D 4 HOH 15 48 48 HOH HOH A . 
D 4 HOH 16 54 54 HOH HOH A . 
D 4 HOH 17 59 59 HOH HOH A . 
D 4 HOH 18 61 61 HOH HOH A . 
E 4 HOH 1  14 14 HOH HOH B . 
E 4 HOH 2  16 16 HOH HOH B . 
E 4 HOH 3  17 17 HOH HOH B . 
E 4 HOH 4  20 20 HOH HOH B . 
E 4 HOH 5  22 22 HOH HOH B . 
E 4 HOH 6  23 23 HOH HOH B . 
E 4 HOH 7  27 27 HOH HOH B . 
E 4 HOH 8  30 30 HOH HOH B . 
E 4 HOH 9  31 31 HOH HOH B . 
E 4 HOH 10 32 32 HOH HOH B . 
E 4 HOH 11 34 34 HOH HOH B . 
E 4 HOH 12 35 35 HOH HOH B . 
E 4 HOH 13 39 39 HOH HOH B . 
E 4 HOH 14 40 40 HOH HOH B . 
E 4 HOH 15 41 41 HOH HOH B . 
E 4 HOH 16 42 42 HOH HOH B . 
E 4 HOH 17 44 44 HOH HOH B . 
E 4 HOH 18 45 45 HOH HOH B . 
E 4 HOH 19 46 46 HOH HOH B . 
E 4 HOH 20 47 47 HOH HOH B . 
E 4 HOH 21 49 49 HOH HOH B . 
E 4 HOH 22 50 50 HOH HOH B . 
E 4 HOH 23 51 51 HOH HOH B . 
E 4 HOH 24 52 52 HOH HOH B . 
E 4 HOH 25 53 53 HOH HOH B . 
E 4 HOH 26 55 55 HOH HOH B . 
E 4 HOH 27 56 56 HOH HOH B . 
E 4 HOH 28 57 57 HOH HOH B . 
E 4 HOH 29 58 58 HOH HOH B . 
E 4 HOH 30 60 60 HOH HOH B . 
# 
loop_
_software.name 
_software.classification 
_software.version 
_software.citation_id 
_software.pdbx_ordinal 
REFMAC  refinement       5.2.0019 ? 1 
AUTOMAR 'data reduction' .        ? 2 
AMoRE   phasing          .        ? 3 
# 
_cell.entry_id           2HTO 
_cell.length_a           17.953 
_cell.length_b           30.821 
_cell.length_c           44.596 
_cell.angle_alpha        90.00 
_cell.angle_beta         90.00 
_cell.angle_gamma        90.00 
_cell.Z_PDB              4 
_cell.pdbx_unique_axis   ? 
_cell.length_a_esd       ? 
_cell.length_b_esd       ? 
_cell.length_c_esd       ? 
_cell.angle_alpha_esd    ? 
_cell.angle_beta_esd     ? 
_cell.angle_gamma_esd    ? 
# 
_symmetry.entry_id                         2HTO 
_symmetry.space_group_name_H-M             'P 21 21 21' 
_symmetry.pdbx_full_space_group_name_H-M   ? 
_symmetry.cell_setting                     ? 
_symmetry.Int_Tables_number                19 
_symmetry.space_group_name_Hall            ? 
# 
_exptl.entry_id          2HTO 
_exptl.method            'X-RAY DIFFRACTION' 
_exptl.crystals_number   1 
# 
_exptl_crystal.id                    1 
_exptl_crystal.density_meas          ? 
_exptl_crystal.density_Matthews      1.704421 
_exptl_crystal.density_percent_sol   51.73 
_exptl_crystal.description           ? 
_exptl_crystal.F_000                 ? 
_exptl_crystal.preparation           ? 
# 
_exptl_crystal_grow.crystal_id      1 
_exptl_crystal_grow.method          'VAPOR DIFFUSION, HANGING DROP' 
_exptl_crystal_grow.temp            293 
_exptl_crystal_grow.temp_details    ? 
_exptl_crystal_grow.pH              6.9 
_exptl_crystal_grow.pdbx_details    
'MPD, sodium cacodylate, ruthenium hexammine chloride, spermine, pH 6.9, VAPOR DIFFUSION, HANGING DROP, temperature 293K' 
_exptl_crystal_grow.pdbx_pH_range   . 
# 
loop_
_exptl_crystal_grow_comp.crystal_id 
_exptl_crystal_grow_comp.id 
_exptl_crystal_grow_comp.sol_id 
_exptl_crystal_grow_comp.name 
_exptl_crystal_grow_comp.volume 
_exptl_crystal_grow_comp.conc 
_exptl_crystal_grow_comp.details 
1 1 1 MPD                            ? ? ? 
1 2 1 'sodium cacodylate'            ? ? ? 
1 3 1 'ruthenium hexammine chloride' ? ? ? 
1 4 1 spermine                       ? ? ? 
1 5 1 H2O                            ? ? ? 
1 6 2 MPD                            ? ? ? 
1 7 2 'sodium cacodylate'            ? ? ? 
1 8 2 'ruthenium hexammine chloride' ? ? ? 
1 9 2 H2O                            ? ? ? 
# 
_diffrn.id                     1 
_diffrn.ambient_temp           293 
_diffrn.ambient_temp_details   ? 
_diffrn.crystal_id             1 
# 
_diffrn_detector.diffrn_id              1 
_diffrn_detector.detector               'IMAGE PLATE' 
_diffrn_detector.type                   MARRESEARCH 
_diffrn_detector.pdbx_collection_date   2004-06-16 
_diffrn_detector.details                ? 
# 
_diffrn_radiation.diffrn_id                        1 
_diffrn_radiation.wavelength_id                    1 
_diffrn_radiation.pdbx_monochromatic_or_laue_m_l   M 
_diffrn_radiation.monochromator                    NIL 
_diffrn_radiation.pdbx_diffrn_protocol             'SINGLE WAVELENGTH' 
_diffrn_radiation.pdbx_scattering_type             x-ray 
# 
_diffrn_radiation_wavelength.id           1 
_diffrn_radiation_wavelength.wavelength   1.5418 
_diffrn_radiation_wavelength.wt           1.0 
# 
_diffrn_source.diffrn_id                   1 
_diffrn_source.source                      'ROTATING ANODE' 
_diffrn_source.type                        'RIGAKU RU300' 
_diffrn_source.pdbx_synchrotron_site       ? 
_diffrn_source.pdbx_synchrotron_beamline   ? 
_diffrn_source.pdbx_wavelength             ? 
_diffrn_source.pdbx_wavelength_list        1.5418 
# 
_reflns.entry_id                     2HTO 
_reflns.observed_criterion_sigma_I   0.0 
_reflns.observed_criterion_sigma_F   0.0 
_reflns.d_resolution_low             30.0 
_reflns.d_resolution_high            1.54 
_reflns.number_obs                   3590 
_reflns.number_all                   3590 
_reflns.percent_possible_obs         90.8 
_reflns.pdbx_Rmerge_I_obs            0.0526 
_reflns.pdbx_Rsym_value              ? 
_reflns.pdbx_netI_over_sigmaI        4.7 
_reflns.B_iso_Wilson_estimate        ? 
_reflns.pdbx_redundancy              5.04 
_reflns.R_free_details               ? 
_reflns.pdbx_chi_squared             ? 
_reflns.pdbx_scaling_rejects         ? 
_reflns.pdbx_diffrn_id               1 
_reflns.pdbx_ordinal                 1 
# 
_reflns_shell.d_res_high             1.54 
_reflns_shell.d_res_low              1.60 
_reflns_shell.percent_possible_all   94.2 
_reflns_shell.Rmerge_I_obs           0.3578 
_reflns_shell.pdbx_Rsym_value        ? 
_reflns_shell.meanI_over_sigI_obs    1.8 
_reflns_shell.pdbx_redundancy        4.84 
_reflns_shell.percent_possible_obs   ? 
_reflns_shell.number_unique_all      ? 
_reflns_shell.number_measured_all    ? 
_reflns_shell.number_measured_obs    ? 
_reflns_shell.number_unique_obs      ? 
_reflns_shell.pdbx_chi_squared       ? 
_reflns_shell.pdbx_diffrn_id         ? 
_reflns_shell.pdbx_ordinal           1 
# 
_refine.entry_id                                 2HTO 
_refine.ls_number_reflns_obs                     3276 
_refine.ls_number_reflns_all                     3530 
_refine.pdbx_ls_sigma_I                          ? 
_refine.pdbx_ls_sigma_F                          ? 
_refine.pdbx_data_cutoff_high_absF               ? 
_refine.pdbx_data_cutoff_low_absF                ? 
_refine.pdbx_data_cutoff_high_rms_absF           ? 
_refine.ls_d_res_low                             25.35 
_refine.ls_d_res_high                            1.54 
_refine.ls_percent_reflns_obs                    90.08 
_refine.ls_R_factor_obs                          0.19134 
_refine.ls_R_factor_all                          ? 
_refine.ls_R_factor_R_work                       0.18923 
_refine.ls_R_factor_R_free                       0.2174 
_refine.ls_R_factor_R_free_error                 ? 
_refine.ls_R_factor_R_free_error_details         ? 
_refine.ls_percent_reflns_R_free                 7.2 
_refine.ls_number_reflns_R_free                  254 
_refine.ls_number_parameters                     ? 
_refine.ls_number_restraints                     ? 
_refine.occupancy_min                            ? 
_refine.occupancy_max                            ? 
_refine.correlation_coeff_Fo_to_Fc               0.957 
_refine.correlation_coeff_Fo_to_Fc_free          0.958 
_refine.B_iso_mean                               16.782 
_refine.aniso_B[1][1]                            0.12 
_refine.aniso_B[2][2]                            0.00 
_refine.aniso_B[3][3]                            -0.11 
_refine.aniso_B[1][2]                            0.00 
_refine.aniso_B[1][3]                            0.00 
_refine.aniso_B[2][3]                            0.00 
_refine.solvent_model_details                    MASK 
_refine.solvent_model_param_ksol                 ? 
_refine.solvent_model_param_bsol                 ? 
_refine.pdbx_solvent_vdw_probe_radii             1.40 
_refine.pdbx_solvent_ion_probe_radii             0.80 
_refine.pdbx_solvent_shrinkage_radii             0.80 
_refine.pdbx_ls_cross_valid_method               THROUGHOUT 
_refine.details                                  'HYDROGENS HAVE BEEN ADDED IN THE RIDING POSITIONS' 
_refine.pdbx_starting_model                      'NDB ENTRY ZD0013' 
_refine.pdbx_method_to_determine_struct          'MOLECULAR REPLACEMENT' 
_refine.pdbx_isotropic_thermal_model             Isotropic 
_refine.pdbx_stereochemistry_target_values       'MAXIMUM LIKELIHOOD' 
_refine.pdbx_stereochem_target_val_spec_case     ? 
_refine.pdbx_R_Free_selection_details            RANDOM 
_refine.pdbx_overall_ESU_R                       0.120 
_refine.pdbx_overall_ESU_R_Free                  0.109 
_refine.overall_SU_ML                            0.072 
_refine.overall_SU_B                             2.085 
_refine.ls_redundancy_reflns_obs                 ? 
_refine.overall_SU_R_Cruickshank_DPI             ? 
_refine.overall_SU_R_free                        ? 
_refine.ls_wR_factor_R_free                      ? 
_refine.ls_wR_factor_R_work                      ? 
_refine.overall_FOM_free_R_set                   ? 
_refine.overall_FOM_work_R_set                   ? 
_refine.pdbx_refine_id                           'X-RAY DIFFRACTION' 
_refine.pdbx_overall_phase_error                 ? 
_refine.pdbx_diffrn_id                           1 
_refine.pdbx_TLS_residual_ADP_flag               ? 
_refine.pdbx_overall_SU_R_free_Cruickshank_DPI   ? 
_refine.pdbx_overall_SU_R_Blow_DPI               ? 
_refine.pdbx_overall_SU_R_free_Blow_DPI          ? 
# 
_refine_hist.pdbx_refine_id                   'X-RAY DIFFRACTION' 
_refine_hist.cycle_id                         LAST 
_refine_hist.pdbx_number_atoms_protein        0 
_refine_hist.pdbx_number_atoms_nucleic_acid   252 
_refine_hist.pdbx_number_atoms_ligand         7 
_refine_hist.number_atoms_solvent             48 
_refine_hist.number_atoms_total               307 
_refine_hist.d_res_high                       1.54 
_refine_hist.d_res_low                        25.35 
# 
loop_
_refine_ls_restr.type 
_refine_ls_restr.dev_ideal 
_refine_ls_restr.dev_ideal_target 
_refine_ls_restr.weight 
_refine_ls_restr.number 
_refine_ls_restr.pdbx_refine_id 
_refine_ls_restr.pdbx_restraint_function 
r_bond_refined_d             0.028 0.021 ? 290 'X-RAY DIFFRACTION' ? 
r_bond_other_d               ?     ?     ? ?   'X-RAY DIFFRACTION' ? 
r_angle_refined_deg          3.251 3.000 ? 457 'X-RAY DIFFRACTION' ? 
r_angle_other_deg            ?     ?     ? ?   'X-RAY DIFFRACTION' ? 
r_dihedral_angle_1_deg       ?     ?     ? ?   'X-RAY DIFFRACTION' ? 
r_dihedral_angle_2_deg       ?     ?     ? ?   'X-RAY DIFFRACTION' ? 
r_dihedral_angle_3_deg       ?     ?     ? ?   'X-RAY DIFFRACTION' ? 
r_dihedral_angle_4_deg       ?     ?     ? ?   'X-RAY DIFFRACTION' ? 
r_chiral_restr               0.148 0.200 ? 50  'X-RAY DIFFRACTION' ? 
r_gen_planes_refined         0.021 0.020 ? 125 'X-RAY DIFFRACTION' ? 
r_gen_planes_other           ?     ?     ? ?   'X-RAY DIFFRACTION' ? 
r_nbd_refined                0.211 0.200 ? 96  'X-RAY DIFFRACTION' ? 
r_nbd_other                  ?     ?     ? ?   'X-RAY DIFFRACTION' ? 
r_nbtor_refined              0.306 0.200 ? 157 'X-RAY DIFFRACTION' ? 
r_nbtor_other                ?     ?     ? ?   'X-RAY DIFFRACTION' ? 
r_xyhbond_nbd_refined        0.216 0.200 ? 15  'X-RAY DIFFRACTION' ? 
r_xyhbond_nbd_other          ?     ?     ? ?   'X-RAY DIFFRACTION' ? 
r_metal_ion_refined          ?     ?     ? ?   'X-RAY DIFFRACTION' ? 
r_metal_ion_other            ?     ?     ? ?   'X-RAY DIFFRACTION' ? 
r_symmetry_vdw_refined       0.106 0.200 ? 13  'X-RAY DIFFRACTION' ? 
r_symmetry_vdw_other         ?     ?     ? ?   'X-RAY DIFFRACTION' ? 
r_symmetry_hbond_refined     0.316 0.200 ? 12  'X-RAY DIFFRACTION' ? 
r_symmetry_hbond_other       ?     ?     ? ?   'X-RAY DIFFRACTION' ? 
r_symmetry_metal_ion_refined ?     ?     ? ?   'X-RAY DIFFRACTION' ? 
r_symmetry_metal_ion_other   ?     ?     ? ?   'X-RAY DIFFRACTION' ? 
r_mcbond_it                  ?     ?     ? ?   'X-RAY DIFFRACTION' ? 
r_mcbond_other               ?     ?     ? ?   'X-RAY DIFFRACTION' ? 
r_mcangle_it                 ?     ?     ? ?   'X-RAY DIFFRACTION' ? 
r_scbond_it                  2.308 3.000 ? 419 'X-RAY DIFFRACTION' ? 
r_scangle_it                 2.942 4.500 ? 450 'X-RAY DIFFRACTION' ? 
r_rigid_bond_restr           ?     ?     ? ?   'X-RAY DIFFRACTION' ? 
r_sphericity_free            ?     ?     ? ?   'X-RAY DIFFRACTION' ? 
r_sphericity_bonded          ?     ?     ? ?   'X-RAY DIFFRACTION' ? 
# 
_refine_ls_shell.pdbx_total_number_of_bins_used   20 
_refine_ls_shell.d_res_high                       1.546 
_refine_ls_shell.d_res_low                        1.586 
_refine_ls_shell.number_reflns_R_work             193 
_refine_ls_shell.R_factor_R_work                  0.292 
_refine_ls_shell.percent_reflns_obs               76.00 
_refine_ls_shell.R_factor_R_free                  0.392 
_refine_ls_shell.R_factor_R_free_error            ? 
_refine_ls_shell.percent_reflns_R_free            ? 
_refine_ls_shell.number_reflns_R_free             16 
_refine_ls_shell.number_reflns_all                ? 
_refine_ls_shell.R_factor_all                     ? 
_refine_ls_shell.redundancy_reflns_obs            ? 
_refine_ls_shell.number_reflns_obs                ? 
_refine_ls_shell.pdbx_refine_id                   'X-RAY DIFFRACTION' 
# 
_struct.entry_id                  2HTO 
_struct.title                     'Ruthenium hexammine ion interactions with Z-DNA' 
_struct.pdbx_model_details        ? 
_struct.pdbx_CASP_flag            ? 
_struct.pdbx_model_type_details   ? 
# 
_struct_keywords.entry_id        2HTO 
_struct_keywords.pdbx_keywords   DNA 
_struct_keywords.text            'Z-DNA, DOUBLE HELIX, DNA' 
# 
loop_
_struct_asym.id 
_struct_asym.pdbx_blank_PDB_chainid_flag 
_struct_asym.pdbx_modified 
_struct_asym.entity_id 
_struct_asym.details 
A N N 1 ? 
B N N 2 ? 
C N N 3 ? 
D N N 4 ? 
E N N 4 ? 
# 
loop_
_struct_ref.id 
_struct_ref.entity_id 
_struct_ref.db_name 
_struct_ref.db_code 
_struct_ref.pdbx_db_accession 
_struct_ref.pdbx_align_begin 
_struct_ref.pdbx_seq_one_letter_code 
_struct_ref.pdbx_db_isoform 
1 1 PDB 2HTO 2HTO ? ? ? 
2 2 PDB 2HTO 2HTO ? ? ? 
# 
loop_
_struct_ref_seq.align_id 
_struct_ref_seq.ref_id 
_struct_ref_seq.pdbx_PDB_id_code 
_struct_ref_seq.pdbx_strand_id 
_struct_ref_seq.seq_align_beg 
_struct_ref_seq.pdbx_seq_align_beg_ins_code 
_struct_ref_seq.seq_align_end 
_struct_ref_seq.pdbx_seq_align_end_ins_code 
_struct_ref_seq.pdbx_db_accession 
_struct_ref_seq.db_align_beg 
_struct_ref_seq.pdbx_db_align_beg_ins_code 
_struct_ref_seq.db_align_end 
_struct_ref_seq.pdbx_db_align_end_ins_code 
_struct_ref_seq.pdbx_auth_seq_align_beg 
_struct_ref_seq.pdbx_auth_seq_align_end 
1 1 2HTO A 1 ? 6 ? 2HTO 1 ? 6  ? 1 6  
2 2 2HTO B 1 ? 6 ? 2HTO 7 ? 12 ? 7 12 
# 
_pdbx_struct_assembly.id                   1 
_pdbx_struct_assembly.details              author_and_software_defined_assembly 
_pdbx_struct_assembly.method_details       PISA 
_pdbx_struct_assembly.oligomeric_details   dimeric 
_pdbx_struct_assembly.oligomeric_count     2 
# 
loop_
_pdbx_struct_assembly_prop.biol_id 
_pdbx_struct_assembly_prop.type 
_pdbx_struct_assembly_prop.value 
_pdbx_struct_assembly_prop.details 
1 'ABSA (A^2)' 830  ? 
1 MORE         -5   ? 
1 'SSA (A^2)'  2410 ? 
# 
_pdbx_struct_assembly_gen.assembly_id       1 
_pdbx_struct_assembly_gen.oper_expression   1 
_pdbx_struct_assembly_gen.asym_id_list      A,B,C,D,E 
# 
_pdbx_struct_oper_list.id                   1 
_pdbx_struct_oper_list.type                 'identity operation' 
_pdbx_struct_oper_list.name                 1_555 
_pdbx_struct_oper_list.symmetry_operation   x,y,z 
_pdbx_struct_oper_list.matrix[1][1]         1.0000000000 
_pdbx_struct_oper_list.matrix[1][2]         0.0000000000 
_pdbx_struct_oper_list.matrix[1][3]         0.0000000000 
_pdbx_struct_oper_list.vector[1]            0.0000000000 
_pdbx_struct_oper_list.matrix[2][1]         0.0000000000 
_pdbx_struct_oper_list.matrix[2][2]         1.0000000000 
_pdbx_struct_oper_list.matrix[2][3]         0.0000000000 
_pdbx_struct_oper_list.vector[2]            0.0000000000 
_pdbx_struct_oper_list.matrix[3][1]         0.0000000000 
_pdbx_struct_oper_list.matrix[3][2]         0.0000000000 
_pdbx_struct_oper_list.matrix[3][3]         1.0000000000 
_pdbx_struct_oper_list.vector[3]            0.0000000000 
# 
loop_
_struct_biol.id 
_struct_biol.details 
_struct_biol.pdbx_parent_biol_id 
1 ? ? 
2 ? ? 
# 
loop_
_struct_conn.id 
_struct_conn.conn_type_id 
_struct_conn.pdbx_leaving_atom_flag 
_struct_conn.pdbx_PDB_id 
_struct_conn.ptnr1_label_asym_id 
_struct_conn.ptnr1_label_comp_id 
_struct_conn.ptnr1_label_seq_id 
_struct_conn.ptnr1_label_atom_id 
_struct_conn.pdbx_ptnr1_label_alt_id 
_struct_conn.pdbx_ptnr1_PDB_ins_code 
_struct_conn.pdbx_ptnr1_standard_comp_id 
_struct_conn.ptnr1_symmetry 
_struct_conn.ptnr2_label_asym_id 
_struct_conn.ptnr2_label_comp_id 
_struct_conn.ptnr2_label_seq_id 
_struct_conn.ptnr2_label_atom_id 
_struct_conn.pdbx_ptnr2_label_alt_id 
_struct_conn.pdbx_ptnr2_PDB_ins_code 
_struct_conn.ptnr1_auth_asym_id 
_struct_conn.ptnr1_auth_comp_id 
_struct_conn.ptnr1_auth_seq_id 
_struct_conn.ptnr2_auth_asym_id 
_struct_conn.ptnr2_auth_comp_id 
_struct_conn.ptnr2_auth_seq_id 
_struct_conn.ptnr2_symmetry 
_struct_conn.pdbx_ptnr3_label_atom_id 
_struct_conn.pdbx_ptnr3_label_seq_id 
_struct_conn.pdbx_ptnr3_label_comp_id 
_struct_conn.pdbx_ptnr3_label_asym_id 
_struct_conn.pdbx_ptnr3_label_alt_id 
_struct_conn.pdbx_ptnr3_PDB_ins_code 
_struct_conn.details 
_struct_conn.pdbx_dist_value 
_struct_conn.pdbx_value_order 
_struct_conn.pdbx_role 
hydrog1  hydrog ? ? A DC 1 N3 ? ? ? 1_555 B DG 6 N1 ? ? A DC 1 B DG 12 1_555 ? ? ? ? ? ? WATSON-CRICK ? ? ? 
hydrog2  hydrog ? ? A DC 1 N4 ? ? ? 1_555 B DG 6 O6 ? ? A DC 1 B DG 12 1_555 ? ? ? ? ? ? WATSON-CRICK ? ? ? 
hydrog3  hydrog ? ? A DC 1 O2 ? ? ? 1_555 B DG 6 N2 ? ? A DC 1 B DG 12 1_555 ? ? ? ? ? ? WATSON-CRICK ? ? ? 
hydrog4  hydrog ? ? A DG 2 N1 ? ? ? 1_555 B DC 5 N3 ? ? A DG 2 B DC 11 1_555 ? ? ? ? ? ? WATSON-CRICK ? ? ? 
hydrog5  hydrog ? ? A DG 2 N2 ? ? ? 1_555 B DC 5 O2 ? ? A DG 2 B DC 11 1_555 ? ? ? ? ? ? WATSON-CRICK ? ? ? 
hydrog6  hydrog ? ? A DG 2 O6 ? ? ? 1_555 B DC 5 N4 ? ? A DG 2 B DC 11 1_555 ? ? ? ? ? ? WATSON-CRICK ? ? ? 
hydrog7  hydrog ? ? A DC 3 N3 ? ? ? 1_555 B DG 4 N1 ? ? A DC 3 B DG 10 1_555 ? ? ? ? ? ? WATSON-CRICK ? ? ? 
hydrog8  hydrog ? ? A DC 3 N4 ? ? ? 1_555 B DG 4 O6 ? ? A DC 3 B DG 10 1_555 ? ? ? ? ? ? WATSON-CRICK ? ? ? 
hydrog9  hydrog ? ? A DC 3 O2 ? ? ? 1_555 B DG 4 N2 ? ? A DC 3 B DG 10 1_555 ? ? ? ? ? ? WATSON-CRICK ? ? ? 
hydrog10 hydrog ? ? A DG 4 N1 ? ? ? 1_555 B DC 3 N3 ? ? A DG 4 B DC 9  1_555 ? ? ? ? ? ? WATSON-CRICK ? ? ? 
hydrog11 hydrog ? ? A DG 4 N2 ? ? ? 1_555 B DC 3 O2 ? ? A DG 4 B DC 9  1_555 ? ? ? ? ? ? WATSON-CRICK ? ? ? 
hydrog12 hydrog ? ? A DG 4 O6 ? ? ? 1_555 B DC 3 N4 ? ? A DG 4 B DC 9  1_555 ? ? ? ? ? ? WATSON-CRICK ? ? ? 
hydrog13 hydrog ? ? A DC 5 N3 ? ? ? 1_555 B DG 2 N1 ? ? A DC 5 B DG 8  1_555 ? ? ? ? ? ? WATSON-CRICK ? ? ? 
hydrog14 hydrog ? ? A DC 5 N4 ? ? ? 1_555 B DG 2 O6 ? ? A DC 5 B DG 8  1_555 ? ? ? ? ? ? WATSON-CRICK ? ? ? 
hydrog15 hydrog ? ? A DC 5 O2 ? ? ? 1_555 B DG 2 N2 ? ? A DC 5 B DG 8  1_555 ? ? ? ? ? ? WATSON-CRICK ? ? ? 
hydrog16 hydrog ? ? A DA 6 N6 ? ? ? 1_555 B DT 1 O4 ? ? A DA 6 B DT 7  1_555 ? ? ? ? ? ? 'DA-DT PAIR' ? ? ? 
# 
_struct_conn_type.id          hydrog 
_struct_conn_type.criteria    ? 
_struct_conn_type.reference   ? 
# 
_struct_site.id                   AC1 
_struct_site.pdbx_evidence_code   Software 
_struct_site.pdbx_auth_asym_id    A 
_struct_site.pdbx_auth_comp_id    NRU 
_struct_site.pdbx_auth_seq_id     13 
_struct_site.pdbx_auth_ins_code   ? 
_struct_site.pdbx_num_residues    13 
_struct_site.details              'BINDING SITE FOR RESIDUE NRU A 13' 
# 
loop_
_struct_site_gen.id 
_struct_site_gen.site_id 
_struct_site_gen.pdbx_num_res 
_struct_site_gen.label_comp_id 
_struct_site_gen.label_asym_id 
_struct_site_gen.label_seq_id 
_struct_site_gen.pdbx_auth_ins_code 
_struct_site_gen.auth_comp_id 
_struct_site_gen.auth_asym_id 
_struct_site_gen.auth_seq_id 
_struct_site_gen.label_atom_id 
_struct_site_gen.label_alt_id 
_struct_site_gen.symmetry 
_struct_site_gen.details 
1  AC1 13 DC  A 1 ? DC  A 1  . ? 2_554 ? 
2  AC1 13 DC  A 3 ? DC  A 3  . ? 4_455 ? 
3  AC1 13 DG  A 4 ? DG  A 4  . ? 4_455 ? 
4  AC1 13 DC  A 5 ? DC  A 5  . ? 1_555 ? 
5  AC1 13 DA  A 6 ? DA  A 6  . ? 1_555 ? 
6  AC1 13 HOH D . ? HOH A 21 . ? 1_555 ? 
7  AC1 13 HOH D . ? HOH A 25 . ? 4_455 ? 
8  AC1 13 HOH D . ? HOH A 59 . ? 2_554 ? 
9  AC1 13 DT  B 1 ? DT  B 7  . ? 1_555 ? 
10 AC1 13 DG  B 2 ? DG  B 8  . ? 4_455 ? 
11 AC1 13 DG  B 6 ? DG  B 12 . ? 2_554 ? 
12 AC1 13 HOH E . ? HOH B 34 . ? 2_554 ? 
13 AC1 13 HOH E . ? HOH B 58 . ? 4_455 ? 
# 
loop_
_pdbx_validate_rmsd_bond.id 
_pdbx_validate_rmsd_bond.PDB_model_num 
_pdbx_validate_rmsd_bond.auth_atom_id_1 
_pdbx_validate_rmsd_bond.auth_asym_id_1 
_pdbx_validate_rmsd_bond.auth_comp_id_1 
_pdbx_validate_rmsd_bond.auth_seq_id_1 
_pdbx_validate_rmsd_bond.PDB_ins_code_1 
_pdbx_validate_rmsd_bond.label_alt_id_1 
_pdbx_validate_rmsd_bond.auth_atom_id_2 
_pdbx_validate_rmsd_bond.auth_asym_id_2 
_pdbx_validate_rmsd_bond.auth_comp_id_2 
_pdbx_validate_rmsd_bond.auth_seq_id_2 
_pdbx_validate_rmsd_bond.PDB_ins_code_2 
_pdbx_validate_rmsd_bond.label_alt_id_2 
_pdbx_validate_rmsd_bond.bond_value 
_pdbx_validate_rmsd_bond.bond_target_value 
_pdbx_validate_rmsd_bond.bond_deviation 
_pdbx_validate_rmsd_bond.bond_standard_deviation 
_pdbx_validate_rmsd_bond.linker_flag 
1 1 "C5'" A DC 1  ? ? "C4'" A DC 1  ? ? 1.567 1.512 0.055  0.007 N 
2 1 N9    A DG 2  ? ? C4    A DG 2  ? ? 1.441 1.375 0.066  0.008 N 
3 1 C6    A DG 4  ? ? N1    A DG 4  ? ? 1.436 1.391 0.045  0.007 N 
4 1 "O3'" A DA 6  ? ? "C3'" A DA 6  ? ? 1.530 1.435 0.095  0.013 N 
5 1 N3    A DA 6  ? ? C4    A DA 6  ? ? 1.398 1.344 0.054  0.006 N 
6 1 N9    A DA 6  ? ? C4    A DA 6  ? ? 1.451 1.374 0.077  0.006 N 
7 1 "C2'" B DG 8  ? ? "C1'" B DG 8  ? ? 1.457 1.518 -0.061 0.010 N 
8 1 C5    B DG 10 ? ? N7    B DG 10 ? ? 1.444 1.388 0.056  0.006 N 
# 
loop_
_pdbx_validate_rmsd_angle.id 
_pdbx_validate_rmsd_angle.PDB_model_num 
_pdbx_validate_rmsd_angle.auth_atom_id_1 
_pdbx_validate_rmsd_angle.auth_asym_id_1 
_pdbx_validate_rmsd_angle.auth_comp_id_1 
_pdbx_validate_rmsd_angle.auth_seq_id_1 
_pdbx_validate_rmsd_angle.PDB_ins_code_1 
_pdbx_validate_rmsd_angle.label_alt_id_1 
_pdbx_validate_rmsd_angle.auth_atom_id_2 
_pdbx_validate_rmsd_angle.auth_asym_id_2 
_pdbx_validate_rmsd_angle.auth_comp_id_2 
_pdbx_validate_rmsd_angle.auth_seq_id_2 
_pdbx_validate_rmsd_angle.PDB_ins_code_2 
_pdbx_validate_rmsd_angle.label_alt_id_2 
_pdbx_validate_rmsd_angle.auth_atom_id_3 
_pdbx_validate_rmsd_angle.auth_asym_id_3 
_pdbx_validate_rmsd_angle.auth_comp_id_3 
_pdbx_validate_rmsd_angle.auth_seq_id_3 
_pdbx_validate_rmsd_angle.PDB_ins_code_3 
_pdbx_validate_rmsd_angle.label_alt_id_3 
_pdbx_validate_rmsd_angle.angle_value 
_pdbx_validate_rmsd_angle.angle_target_value 
_pdbx_validate_rmsd_angle.angle_deviation 
_pdbx_validate_rmsd_angle.angle_standard_deviation 
_pdbx_validate_rmsd_angle.linker_flag 
1  1 C6    A DC 1  ? ? N1    A DC 1  ? ? C2    A DC 1  ? ? 117.30 120.30 -3.00 0.40 N 
2  1 N1    A DC 1  ? ? C2    A DC 1  ? ? N3    A DC 1  ? ? 114.28 119.20 -4.92 0.70 N 
3  1 C2    A DC 1  ? ? N3    A DC 1  ? ? C4    A DC 1  ? ? 125.00 119.90 5.10  0.50 N 
4  1 C4    A DC 1  ? ? C5    A DC 1  ? ? C6    A DC 1  ? ? 111.19 117.40 -6.21 0.50 N 
5  1 C5    A DC 1  ? ? C6    A DC 1  ? ? N1    A DC 1  ? ? 128.70 121.00 7.70  0.50 N 
6  1 N3    A DC 1  ? ? C2    A DC 1  ? ? O2    A DC 1  ? ? 129.97 121.90 8.07  0.70 N 
7  1 C8    A DG 2  ? ? N9    A DG 2  ? ? C4    A DG 2  ? ? 103.90 106.40 -2.50 0.40 N 
8  1 C5    A DG 4  ? ? C6    A DG 4  ? ? N1    A DG 4  ? ? 107.72 111.50 -3.78 0.50 N 
9  1 N1    A DG 4  ? ? C6    A DG 4  ? ? O6    A DG 4  ? ? 124.20 119.90 4.30  0.60 N 
10 1 "O5'" A DC 5  ? ? P     A DC 5  ? B OP1   A DC 5  ? B 97.37  105.70 -8.33 0.90 N 
11 1 "O5'" A DC 5  ? ? P     A DC 5  ? B OP2   A DC 5  ? B 119.24 110.70 8.54  1.20 N 
12 1 C5    A DC 5  ? ? C6    A DC 5  ? ? N1    A DC 5  ? ? 124.44 121.00 3.44  0.50 N 
13 1 C6    A DA 6  ? ? N1    A DA 6  ? ? C2    A DA 6  ? ? 123.04 118.60 4.44  0.60 N 
14 1 N1    A DA 6  ? ? C2    A DA 6  ? ? N3    A DA 6  ? ? 120.73 129.30 -8.57 0.50 N 
15 1 C2    A DA 6  ? ? N3    A DA 6  ? ? C4    A DA 6  ? ? 117.53 110.60 6.93  0.50 N 
16 1 C5    A DA 6  ? ? N7    A DA 6  ? ? C8    A DA 6  ? ? 108.51 103.90 4.61  0.50 N 
17 1 N7    A DA 6  ? ? C8    A DA 6  ? ? N9    A DA 6  ? ? 110.26 113.80 -3.54 0.50 N 
18 1 C5    B DT 7  ? ? C6    B DT 7  ? ? N1    B DT 7  ? ? 119.86 123.70 -3.84 0.60 N 
19 1 N1    B DT 7  ? ? C2    B DT 7  ? ? O2    B DT 7  ? ? 117.43 123.10 -5.67 0.80 N 
20 1 "O4'" B DG 8  ? ? "C4'" B DG 8  ? ? "C3'" B DG 8  ? ? 100.27 104.50 -4.23 0.40 N 
21 1 "C4'" B DG 8  ? ? "C3'" B DG 8  ? ? "C2'" B DG 8  ? ? 108.84 103.10 5.74  0.90 N 
22 1 "O4'" B DG 8  ? ? "C1'" B DG 8  ? ? N9    B DG 8  ? ? 103.68 108.00 -4.32 0.70 N 
23 1 C5    B DG 8  ? ? N7    B DG 8  ? ? C8    B DG 8  ? ? 101.18 104.30 -3.12 0.50 N 
24 1 N7    B DG 8  ? ? C8    B DG 8  ? ? N9    B DG 8  ? ? 118.82 113.10 5.72  0.50 N 
25 1 C8    B DG 8  ? ? N9    B DG 8  ? ? C4    B DG 8  ? ? 103.72 106.40 -2.68 0.40 N 
26 1 C5    B DC 9  ? ? C4    B DC 9  ? ? N4    B DC 9  ? ? 115.96 120.20 -4.24 0.70 N 
27 1 C6    B DC 11 ? ? N1    B DC 11 ? ? C2    B DC 11 ? ? 115.33 120.30 -4.97 0.40 N 
28 1 C2    B DC 11 ? ? N3    B DC 11 ? ? C4    B DC 11 ? ? 124.82 119.90 4.92  0.50 N 
29 1 N3    B DC 11 ? ? C4    B DC 11 ? ? C5    B DC 11 ? ? 118.42 121.90 -3.48 0.40 N 
30 1 C5    B DC 11 ? ? C6    B DC 11 ? ? N1    B DC 11 ? ? 126.15 121.00 5.15  0.50 N 
31 1 N3    B DC 11 ? ? C4    B DC 11 ? ? N4    B DC 11 ? ? 123.25 118.00 5.25  0.70 N 
32 1 C2    B DG 12 ? ? N3    B DG 12 ? ? C4    B DG 12 ? ? 115.11 111.90 3.21  0.50 N 
33 1 C5    B DG 12 ? ? C6    B DG 12 ? ? N1    B DG 12 ? ? 116.30 111.50 4.80  0.50 N 
34 1 C4    B DG 12 ? ? C5    B DG 12 ? ? N7    B DG 12 ? ? 107.04 110.80 -3.76 0.40 N 
35 1 C5    B DG 12 ? ? N7    B DG 12 ? ? C8    B DG 12 ? ? 108.91 104.30 4.61  0.50 N 
36 1 C6    B DG 12 ? ? C5    B DG 12 ? ? N7    B DG 12 ? ? 136.87 130.40 6.47  0.60 N 
37 1 N1    B DG 12 ? ? C6    B DG 12 ? ? O6    B DG 12 ? ? 113.89 119.90 -6.01 0.60 N 
# 
loop_
_chem_comp_atom.comp_id 
_chem_comp_atom.atom_id 
_chem_comp_atom.type_symbol 
_chem_comp_atom.pdbx_aromatic_flag 
_chem_comp_atom.pdbx_stereo_config 
_chem_comp_atom.pdbx_ordinal 
DA  OP3    O  N N 1   
DA  P      P  N N 2   
DA  OP1    O  N N 3   
DA  OP2    O  N N 4   
DA  "O5'"  O  N N 5   
DA  "C5'"  C  N N 6   
DA  "C4'"  C  N R 7   
DA  "O4'"  O  N N 8   
DA  "C3'"  C  N S 9   
DA  "O3'"  O  N N 10  
DA  "C2'"  C  N N 11  
DA  "C1'"  C  N R 12  
DA  N9     N  Y N 13  
DA  C8     C  Y N 14  
DA  N7     N  Y N 15  
DA  C5     C  Y N 16  
DA  C6     C  Y N 17  
DA  N6     N  N N 18  
DA  N1     N  Y N 19  
DA  C2     C  Y N 20  
DA  N3     N  Y N 21  
DA  C4     C  Y N 22  
DA  HOP3   H  N N 23  
DA  HOP2   H  N N 24  
DA  "H5'"  H  N N 25  
DA  "H5''" H  N N 26  
DA  "H4'"  H  N N 27  
DA  "H3'"  H  N N 28  
DA  "HO3'" H  N N 29  
DA  "H2'"  H  N N 30  
DA  "H2''" H  N N 31  
DA  "H1'"  H  N N 32  
DA  H8     H  N N 33  
DA  H61    H  N N 34  
DA  H62    H  N N 35  
DA  H2     H  N N 36  
DC  OP3    O  N N 37  
DC  P      P  N N 38  
DC  OP1    O  N N 39  
DC  OP2    O  N N 40  
DC  "O5'"  O  N N 41  
DC  "C5'"  C  N N 42  
DC  "C4'"  C  N R 43  
DC  "O4'"  O  N N 44  
DC  "C3'"  C  N S 45  
DC  "O3'"  O  N N 46  
DC  "C2'"  C  N N 47  
DC  "C1'"  C  N R 48  
DC  N1     N  N N 49  
DC  C2     C  N N 50  
DC  O2     O  N N 51  
DC  N3     N  N N 52  
DC  C4     C  N N 53  
DC  N4     N  N N 54  
DC  C5     C  N N 55  
DC  C6     C  N N 56  
DC  HOP3   H  N N 57  
DC  HOP2   H  N N 58  
DC  "H5'"  H  N N 59  
DC  "H5''" H  N N 60  
DC  "H4'"  H  N N 61  
DC  "H3'"  H  N N 62  
DC  "HO3'" H  N N 63  
DC  "H2'"  H  N N 64  
DC  "H2''" H  N N 65  
DC  "H1'"  H  N N 66  
DC  H41    H  N N 67  
DC  H42    H  N N 68  
DC  H5     H  N N 69  
DC  H6     H  N N 70  
DG  OP3    O  N N 71  
DG  P      P  N N 72  
DG  OP1    O  N N 73  
DG  OP2    O  N N 74  
DG  "O5'"  O  N N 75  
DG  "C5'"  C  N N 76  
DG  "C4'"  C  N R 77  
DG  "O4'"  O  N N 78  
DG  "C3'"  C  N S 79  
DG  "O3'"  O  N N 80  
DG  "C2'"  C  N N 81  
DG  "C1'"  C  N R 82  
DG  N9     N  Y N 83  
DG  C8     C  Y N 84  
DG  N7     N  Y N 85  
DG  C5     C  Y N 86  
DG  C6     C  N N 87  
DG  O6     O  N N 88  
DG  N1     N  N N 89  
DG  C2     C  N N 90  
DG  N2     N  N N 91  
DG  N3     N  N N 92  
DG  C4     C  Y N 93  
DG  HOP3   H  N N 94  
DG  HOP2   H  N N 95  
DG  "H5'"  H  N N 96  
DG  "H5''" H  N N 97  
DG  "H4'"  H  N N 98  
DG  "H3'"  H  N N 99  
DG  "HO3'" H  N N 100 
DG  "H2'"  H  N N 101 
DG  "H2''" H  N N 102 
DG  "H1'"  H  N N 103 
DG  H8     H  N N 104 
DG  H1     H  N N 105 
DG  H21    H  N N 106 
DG  H22    H  N N 107 
DT  OP3    O  N N 108 
DT  P      P  N N 109 
DT  OP1    O  N N 110 
DT  OP2    O  N N 111 
DT  "O5'"  O  N N 112 
DT  "C5'"  C  N N 113 
DT  "C4'"  C  N R 114 
DT  "O4'"  O  N N 115 
DT  "C3'"  C  N S 116 
DT  "O3'"  O  N N 117 
DT  "C2'"  C  N N 118 
DT  "C1'"  C  N R 119 
DT  N1     N  N N 120 
DT  C2     C  N N 121 
DT  O2     O  N N 122 
DT  N3     N  N N 123 
DT  C4     C  N N 124 
DT  O4     O  N N 125 
DT  C5     C  N N 126 
DT  C7     C  N N 127 
DT  C6     C  N N 128 
DT  HOP3   H  N N 129 
DT  HOP2   H  N N 130 
DT  "H5'"  H  N N 131 
DT  "H5''" H  N N 132 
DT  "H4'"  H  N N 133 
DT  "H3'"  H  N N 134 
DT  "HO3'" H  N N 135 
DT  "H2'"  H  N N 136 
DT  "H2''" H  N N 137 
DT  "H1'"  H  N N 138 
DT  H3     H  N N 139 
DT  H71    H  N N 140 
DT  H72    H  N N 141 
DT  H73    H  N N 142 
DT  H6     H  N N 143 
HOH O      O  N N 144 
HOH H1     H  N N 145 
HOH H2     H  N N 146 
NRU N1     N  N N 147 
NRU RU     RU N N 148 
NRU N4     N  N N 149 
NRU N5     N  N N 150 
NRU N2     N  N N 151 
NRU N3     N  N N 152 
NRU N6     N  N N 153 
NRU HN11   H  N N 154 
NRU HN1    H  N N 155 
NRU HN12   H  N N 156 
NRU HN4    H  N N 157 
NRU HN41   H  N N 158 
NRU HN42   H  N N 159 
NRU HN5    H  N N 160 
NRU HN51   H  N N 161 
NRU HN52   H  N N 162 
NRU HN2    H  N N 163 
NRU HN21   H  N N 164 
NRU HN22   H  N N 165 
NRU HN3    H  N N 166 
NRU HN31   H  N N 167 
NRU HN32   H  N N 168 
NRU HN6    H  N N 169 
NRU HN61   H  N N 170 
NRU HN62   H  N N 171 
# 
loop_
_chem_comp_bond.comp_id 
_chem_comp_bond.atom_id_1 
_chem_comp_bond.atom_id_2 
_chem_comp_bond.value_order 
_chem_comp_bond.pdbx_aromatic_flag 
_chem_comp_bond.pdbx_stereo_config 
_chem_comp_bond.pdbx_ordinal 
DA  OP3   P      sing N N 1   
DA  OP3   HOP3   sing N N 2   
DA  P     OP1    doub N N 3   
DA  P     OP2    sing N N 4   
DA  P     "O5'"  sing N N 5   
DA  OP2   HOP2   sing N N 6   
DA  "O5'" "C5'"  sing N N 7   
DA  "C5'" "C4'"  sing N N 8   
DA  "C5'" "H5'"  sing N N 9   
DA  "C5'" "H5''" sing N N 10  
DA  "C4'" "O4'"  sing N N 11  
DA  "C4'" "C3'"  sing N N 12  
DA  "C4'" "H4'"  sing N N 13  
DA  "O4'" "C1'"  sing N N 14  
DA  "C3'" "O3'"  sing N N 15  
DA  "C3'" "C2'"  sing N N 16  
DA  "C3'" "H3'"  sing N N 17  
DA  "O3'" "HO3'" sing N N 18  
DA  "C2'" "C1'"  sing N N 19  
DA  "C2'" "H2'"  sing N N 20  
DA  "C2'" "H2''" sing N N 21  
DA  "C1'" N9     sing N N 22  
DA  "C1'" "H1'"  sing N N 23  
DA  N9    C8     sing Y N 24  
DA  N9    C4     sing Y N 25  
DA  C8    N7     doub Y N 26  
DA  C8    H8     sing N N 27  
DA  N7    C5     sing Y N 28  
DA  C5    C6     sing Y N 29  
DA  C5    C4     doub Y N 30  
DA  C6    N6     sing N N 31  
DA  C6    N1     doub Y N 32  
DA  N6    H61    sing N N 33  
DA  N6    H62    sing N N 34  
DA  N1    C2     sing Y N 35  
DA  C2    N3     doub Y N 36  
DA  C2    H2     sing N N 37  
DA  N3    C4     sing Y N 38  
DC  OP3   P      sing N N 39  
DC  OP3   HOP3   sing N N 40  
DC  P     OP1    doub N N 41  
DC  P     OP2    sing N N 42  
DC  P     "O5'"  sing N N 43  
DC  OP2   HOP2   sing N N 44  
DC  "O5'" "C5'"  sing N N 45  
DC  "C5'" "C4'"  sing N N 46  
DC  "C5'" "H5'"  sing N N 47  
DC  "C5'" "H5''" sing N N 48  
DC  "C4'" "O4'"  sing N N 49  
DC  "C4'" "C3'"  sing N N 50  
DC  "C4'" "H4'"  sing N N 51  
DC  "O4'" "C1'"  sing N N 52  
DC  "C3'" "O3'"  sing N N 53  
DC  "C3'" "C2'"  sing N N 54  
DC  "C3'" "H3'"  sing N N 55  
DC  "O3'" "HO3'" sing N N 56  
DC  "C2'" "C1'"  sing N N 57  
DC  "C2'" "H2'"  sing N N 58  
DC  "C2'" "H2''" sing N N 59  
DC  "C1'" N1     sing N N 60  
DC  "C1'" "H1'"  sing N N 61  
DC  N1    C2     sing N N 62  
DC  N1    C6     sing N N 63  
DC  C2    O2     doub N N 64  
DC  C2    N3     sing N N 65  
DC  N3    C4     doub N N 66  
DC  C4    N4     sing N N 67  
DC  C4    C5     sing N N 68  
DC  N4    H41    sing N N 69  
DC  N4    H42    sing N N 70  
DC  C5    C6     doub N N 71  
DC  C5    H5     sing N N 72  
DC  C6    H6     sing N N 73  
DG  OP3   P      sing N N 74  
DG  OP3   HOP3   sing N N 75  
DG  P     OP1    doub N N 76  
DG  P     OP2    sing N N 77  
DG  P     "O5'"  sing N N 78  
DG  OP2   HOP2   sing N N 79  
DG  "O5'" "C5'"  sing N N 80  
DG  "C5'" "C4'"  sing N N 81  
DG  "C5'" "H5'"  sing N N 82  
DG  "C5'" "H5''" sing N N 83  
DG  "C4'" "O4'"  sing N N 84  
DG  "C4'" "C3'"  sing N N 85  
DG  "C4'" "H4'"  sing N N 86  
DG  "O4'" "C1'"  sing N N 87  
DG  "C3'" "O3'"  sing N N 88  
DG  "C3'" "C2'"  sing N N 89  
DG  "C3'" "H3'"  sing N N 90  
DG  "O3'" "HO3'" sing N N 91  
DG  "C2'" "C1'"  sing N N 92  
DG  "C2'" "H2'"  sing N N 93  
DG  "C2'" "H2''" sing N N 94  
DG  "C1'" N9     sing N N 95  
DG  "C1'" "H1'"  sing N N 96  
DG  N9    C8     sing Y N 97  
DG  N9    C4     sing Y N 98  
DG  C8    N7     doub Y N 99  
DG  C8    H8     sing N N 100 
DG  N7    C5     sing Y N 101 
DG  C5    C6     sing N N 102 
DG  C5    C4     doub Y N 103 
DG  C6    O6     doub N N 104 
DG  C6    N1     sing N N 105 
DG  N1    C2     sing N N 106 
DG  N1    H1     sing N N 107 
DG  C2    N2     sing N N 108 
DG  C2    N3     doub N N 109 
DG  N2    H21    sing N N 110 
DG  N2    H22    sing N N 111 
DG  N3    C4     sing N N 112 
DT  OP3   P      sing N N 113 
DT  OP3   HOP3   sing N N 114 
DT  P     OP1    doub N N 115 
DT  P     OP2    sing N N 116 
DT  P     "O5'"  sing N N 117 
DT  OP2   HOP2   sing N N 118 
DT  "O5'" "C5'"  sing N N 119 
DT  "C5'" "C4'"  sing N N 120 
DT  "C5'" "H5'"  sing N N 121 
DT  "C5'" "H5''" sing N N 122 
DT  "C4'" "O4'"  sing N N 123 
DT  "C4'" "C3'"  sing N N 124 
DT  "C4'" "H4'"  sing N N 125 
DT  "O4'" "C1'"  sing N N 126 
DT  "C3'" "O3'"  sing N N 127 
DT  "C3'" "C2'"  sing N N 128 
DT  "C3'" "H3'"  sing N N 129 
DT  "O3'" "HO3'" sing N N 130 
DT  "C2'" "C1'"  sing N N 131 
DT  "C2'" "H2'"  sing N N 132 
DT  "C2'" "H2''" sing N N 133 
DT  "C1'" N1     sing N N 134 
DT  "C1'" "H1'"  sing N N 135 
DT  N1    C2     sing N N 136 
DT  N1    C6     sing N N 137 
DT  C2    O2     doub N N 138 
DT  C2    N3     sing N N 139 
DT  N3    C4     sing N N 140 
DT  N3    H3     sing N N 141 
DT  C4    O4     doub N N 142 
DT  C4    C5     sing N N 143 
DT  C5    C7     sing N N 144 
DT  C5    C6     doub N N 145 
DT  C7    H71    sing N N 146 
DT  C7    H72    sing N N 147 
DT  C7    H73    sing N N 148 
DT  C6    H6     sing N N 149 
HOH O     H1     sing N N 150 
HOH O     H2     sing N N 151 
NRU N1    RU     sing N N 152 
NRU N1    HN11   sing N N 153 
NRU N1    HN1    sing N N 154 
NRU N1    HN12   sing N N 155 
NRU RU    N4     sing N N 156 
NRU RU    N5     sing N N 157 
NRU RU    N2     sing N N 158 
NRU RU    N3     sing N N 159 
NRU RU    N6     sing N N 160 
NRU N4    HN4    sing N N 161 
NRU N4    HN41   sing N N 162 
NRU N4    HN42   sing N N 163 
NRU N5    HN5    sing N N 164 
NRU N5    HN51   sing N N 165 
NRU N5    HN52   sing N N 166 
NRU N2    HN2    sing N N 167 
NRU N2    HN21   sing N N 168 
NRU N2    HN22   sing N N 169 
NRU N3    HN3    sing N N 170 
NRU N3    HN31   sing N N 171 
NRU N3    HN32   sing N N 172 
NRU N6    HN6    sing N N 173 
NRU N6    HN61   sing N N 174 
NRU N6    HN62   sing N N 175 
# 
_ndb_struct_conf_na.entry_id   2HTO 
_ndb_struct_conf_na.feature    'z-form double helix' 
# 
loop_
_ndb_struct_na_base_pair.model_number 
_ndb_struct_na_base_pair.i_label_asym_id 
_ndb_struct_na_base_pair.i_label_comp_id 
_ndb_struct_na_base_pair.i_label_seq_id 
_ndb_struct_na_base_pair.i_symmetry 
_ndb_struct_na_base_pair.j_label_asym_id 
_ndb_struct_na_base_pair.j_label_comp_id 
_ndb_struct_na_base_pair.j_label_seq_id 
_ndb_struct_na_base_pair.j_symmetry 
_ndb_struct_na_base_pair.shear 
_ndb_struct_na_base_pair.stretch 
_ndb_struct_na_base_pair.stagger 
_ndb_struct_na_base_pair.buckle 
_ndb_struct_na_base_pair.propeller 
_ndb_struct_na_base_pair.opening 
_ndb_struct_na_base_pair.pair_number 
_ndb_struct_na_base_pair.pair_name 
_ndb_struct_na_base_pair.i_auth_asym_id 
_ndb_struct_na_base_pair.i_auth_seq_id 
_ndb_struct_na_base_pair.i_PDB_ins_code 
_ndb_struct_na_base_pair.j_auth_asym_id 
_ndb_struct_na_base_pair.j_auth_seq_id 
_ndb_struct_na_base_pair.j_PDB_ins_code 
_ndb_struct_na_base_pair.hbond_type_28 
_ndb_struct_na_base_pair.hbond_type_12 
1 A DC 1 1_555 B DG 6 1_555 -1.774 -0.239 0.093 1.948  4.080  -3.343 1 A_DC1:DG12_B A 1 ? B 12 ? 19 1 
1 A DG 2 1_555 B DC 5 1_555 0.234  -0.095 0.262 -2.646 -2.327 -0.130 2 A_DG2:DC11_B A 2 ? B 11 ? 19 1 
1 A DC 3 1_555 B DG 4 1_555 -0.212 -0.079 0.185 4.218  1.308  1.458  3 A_DC3:DG10_B A 3 ? B 10 ? 19 1 
1 A DG 4 1_555 B DC 3 1_555 0.274  -0.184 0.077 0.652  -1.113 2.748  4 A_DG4:DC9_B  A 4 ? B 9  ? 19 1 
1 A DC 5 1_555 B DG 2 1_555 -0.156 -0.117 0.253 1.419  0.694  0.656  5 A_DC5:DG8_B  A 5 ? B 8  ? 19 1 
1 A DA 6 1_555 B DT 1 1_555 2.014  -0.394 0.178 -4.277 6.985  5.896  6 A_DA6:DT7_B  A 6 ? B 7  ? ?  ? 
# 
loop_
_ndb_struct_na_base_pair_step.model_number 
_ndb_struct_na_base_pair_step.i_label_asym_id_1 
_ndb_struct_na_base_pair_step.i_label_comp_id_1 
_ndb_struct_na_base_pair_step.i_label_seq_id_1 
_ndb_struct_na_base_pair_step.i_symmetry_1 
_ndb_struct_na_base_pair_step.j_label_asym_id_1 
_ndb_struct_na_base_pair_step.j_label_comp_id_1 
_ndb_struct_na_base_pair_step.j_label_seq_id_1 
_ndb_struct_na_base_pair_step.j_symmetry_1 
_ndb_struct_na_base_pair_step.i_label_asym_id_2 
_ndb_struct_na_base_pair_step.i_label_comp_id_2 
_ndb_struct_na_base_pair_step.i_label_seq_id_2 
_ndb_struct_na_base_pair_step.i_symmetry_2 
_ndb_struct_na_base_pair_step.j_label_asym_id_2 
_ndb_struct_na_base_pair_step.j_label_comp_id_2 
_ndb_struct_na_base_pair_step.j_label_seq_id_2 
_ndb_struct_na_base_pair_step.j_symmetry_2 
_ndb_struct_na_base_pair_step.shift 
_ndb_struct_na_base_pair_step.slide 
_ndb_struct_na_base_pair_step.rise 
_ndb_struct_na_base_pair_step.tilt 
_ndb_struct_na_base_pair_step.roll 
_ndb_struct_na_base_pair_step.twist 
_ndb_struct_na_base_pair_step.x_displacement 
_ndb_struct_na_base_pair_step.y_displacement 
_ndb_struct_na_base_pair_step.helical_rise 
_ndb_struct_na_base_pair_step.inclination 
_ndb_struct_na_base_pair_step.tip 
_ndb_struct_na_base_pair_step.helical_twist 
_ndb_struct_na_base_pair_step.step_number 
_ndb_struct_na_base_pair_step.step_name 
_ndb_struct_na_base_pair_step.i_auth_asym_id_1 
_ndb_struct_na_base_pair_step.i_auth_seq_id_1 
_ndb_struct_na_base_pair_step.i_PDB_ins_code_1 
_ndb_struct_na_base_pair_step.j_auth_asym_id_1 
_ndb_struct_na_base_pair_step.j_auth_seq_id_1 
_ndb_struct_na_base_pair_step.j_PDB_ins_code_1 
_ndb_struct_na_base_pair_step.i_auth_asym_id_2 
_ndb_struct_na_base_pair_step.i_auth_seq_id_2 
_ndb_struct_na_base_pair_step.i_PDB_ins_code_2 
_ndb_struct_na_base_pair_step.j_auth_asym_id_2 
_ndb_struct_na_base_pair_step.j_auth_seq_id_2 
_ndb_struct_na_base_pair_step.j_PDB_ins_code_2 
1 A DC 1 1_555 B DG 6 1_555 A DG 2 1_555 B DC 5 1_555 -0.204 5.204  3.644 -2.919 0.484  -4.229  -61.235 -23.062 2.384  -5.722  
-34.522 -5.161  1 AA_DC1DG2:DC11DG12_BB A 1 ? B 12 ? A 2 ? B 11 ? 
1 A DG 2 1_555 B DC 5 1_555 A DC 3 1_555 B DG 4 1_555 0.156  -1.070 3.287 0.050  -2.735 -51.291 1.421   0.183   3.230  3.157   
0.057   -51.359 2 AA_DG2DC3:DG10DC11_BB A 2 ? B 11 ? A 3 ? B 10 ? 
1 A DC 3 1_555 B DG 4 1_555 A DG 4 1_555 B DC 3 1_555 0.066  5.290  3.634 0.723  -4.528 -7.661  -17.480 3.056   5.794  30.549  
4.876   -8.927  3 AA_DC3DG4:DC9DG10_BB  A 3 ? B 10 ? A 4 ? B 9  ? 
1 A DG 4 1_555 B DC 3 1_555 A DC 5 1_555 B DG 2 1_555 0.043  -1.051 3.484 -1.810 -2.935 -50.383 1.452   -0.085  3.421  3.443   
-2.123  -50.493 4 AA_DG4DC5:DG8DC9_BB   A 4 ? B 9  ? A 5 ? B 8  ? 
1 A DC 5 1_555 B DG 2 1_555 A DA 6 1_555 B DT 1 1_555 0.325  5.198  3.700 2.851  2.182  -2.288  -82.575 20.838  -0.893 -34.949 
45.660  -4.257  5 AA_DC5DA6:DT7DG8_BB   A 5 ? B 8  ? A 6 ? B 7  ? 
# 
_pdbx_initial_refinement_model.accession_code   1XA2 
_pdbx_initial_refinement_model.id               1 
_pdbx_initial_refinement_model.entity_id_list   ? 
_pdbx_initial_refinement_model.type             'experimental model' 
_pdbx_initial_refinement_model.source_name      PDB 
_pdbx_initial_refinement_model.details          'NDB ENTRY ZD0013' 
# 
_atom_sites.entry_id                    2HTO 
_atom_sites.fract_transf_matrix[1][1]   -0.01069092 
_atom_sites.fract_transf_matrix[1][2]   -0.03652649 
_atom_sites.fract_transf_matrix[1][3]   0.04067089 
_atom_sites.fract_transf_matrix[2][1]   0.02758853 
_atom_sites.fract_transf_matrix[2][2]   -0.01565791 
_atom_sites.fract_transf_matrix[2][3]   -0.00681032 
_atom_sites.fract_transf_matrix[3][1]   0.01098827 
_atom_sites.fract_transf_matrix[3][2]   0.01301901 
_atom_sites.fract_transf_matrix[3][3]   0.01458078 
_atom_sites.fract_transf_vector[1]      0.288924 
_atom_sites.fract_transf_vector[2]      0.003279 
_atom_sites.fract_transf_vector[3]      0.126539 
# 
loop_
_atom_type.symbol 
C  
N  
O  
P  
RU 
# 
loop_
_atom_site.group_PDB 
_atom_site.id 
_atom_site.type_symbol 
_atom_site.label_atom_id 
_atom_site.label_alt_id 
_atom_site.label_comp_id 
_atom_site.label_asym_id 
_atom_site.label_entity_id 
_atom_site.label_seq_id 
_atom_site.pdbx_PDB_ins_code 
_atom_site.Cartn_x 
_atom_site.Cartn_y 
_atom_site.Cartn_z 
_atom_site.occupancy 
_atom_site.B_iso_or_equiv 
_atom_site.pdbx_formal_charge 
_atom_site.auth_seq_id 
_atom_site.auth_comp_id 
_atom_site.auth_asym_id 
_atom_site.auth_atom_id 
_atom_site.pdbx_PDB_model_num 
ATOM   1   O  "O5'" . DC  A 1 1 ? 6.339   0.573   9.757   1.00 19.46 ? 1  DC  A "O5'" 1 
ATOM   2   C  "C5'" . DC  A 1 1 ? 6.418   0.013   8.460   1.00 15.32 ? 1  DC  A "C5'" 1 
ATOM   3   C  "C4'" . DC  A 1 1 ? 6.399   1.078   7.310   1.00 16.72 ? 1  DC  A "C4'" 1 
ATOM   4   O  "O4'" . DC  A 1 1 ? 5.024   1.533   7.085   1.00 14.75 ? 1  DC  A "O4'" 1 
ATOM   5   C  "C3'" . DC  A 1 1 ? 7.278   2.352   7.411   1.00 12.38 ? 1  DC  A "C3'" 1 
ATOM   6   O  "O3'" . DC  A 1 1 ? 7.856   2.698   6.116   1.00 14.40 ? 1  DC  A "O3'" 1 
ATOM   7   C  "C2'" . DC  A 1 1 ? 6.243   3.392   7.915   1.00 13.74 ? 1  DC  A "C2'" 1 
ATOM   8   C  "C1'" . DC  A 1 1 ? 5.002   2.955   7.096   1.00 16.55 ? 1  DC  A "C1'" 1 
ATOM   9   N  N1    . DC  A 1 1 ? 3.759   3.340   7.769   1.00 16.21 ? 1  DC  A N1    1 
ATOM   10  C  C2    . DC  A 1 1 ? 3.123   4.586   7.420   1.00 18.96 ? 1  DC  A C2    1 
ATOM   11  O  O2    . DC  A 1 1 ? 3.706   5.263   6.572   1.00 17.21 ? 1  DC  A O2    1 
ATOM   12  N  N3    . DC  A 1 1 ? 1.970   4.869   8.157   1.00 17.77 ? 1  DC  A N3    1 
ATOM   13  C  C4    . DC  A 1 1 ? 1.467   4.098   9.099   1.00 22.02 ? 1  DC  A C4    1 
ATOM   14  N  N4    . DC  A 1 1 ? 0.343   4.563   9.680   1.00 21.18 ? 1  DC  A N4    1 
ATOM   15  C  C5    . DC  A 1 1 ? 2.007   2.823   9.440   1.00 20.38 ? 1  DC  A C5    1 
ATOM   16  C  C6    . DC  A 1 1 ? 3.137   2.556   8.718   1.00 15.51 ? 1  DC  A C6    1 
ATOM   17  P  P     . DG  A 1 2 ? 9.293   2.253   5.592   1.00 17.71 ? 2  DG  A P     1 
ATOM   18  O  OP1   . DG  A 1 2 ? 10.308  2.142   6.618   1.00 20.17 ? 2  DG  A OP1   1 
ATOM   19  O  OP2   . DG  A 1 2 ? 9.448   3.009   4.320   1.00 19.83 ? 2  DG  A OP2   1 
ATOM   20  O  "O5'" . DG  A 1 2 ? 9.064   0.750   5.187   1.00 15.18 ? 2  DG  A "O5'" 1 
ATOM   21  C  "C5'" . DG  A 1 2 ? 8.260   0.348   4.104   1.00 12.98 ? 2  DG  A "C5'" 1 
ATOM   22  C  "C4'" . DG  A 1 2 ? 8.138   -1.135  3.991   1.00 12.44 ? 2  DG  A "C4'" 1 
ATOM   23  O  "O4'" . DG  A 1 2 ? 7.541   -1.707  5.192   1.00 10.62 ? 2  DG  A "O4'" 1 
ATOM   24  C  "C3'" . DG  A 1 2 ? 7.174   -1.439  2.877   1.00 12.92 ? 2  DG  A "C3'" 1 
ATOM   25  O  "O3'" . DG  A 1 2 ? 7.990   -1.786  1.756   1.00 18.49 ? 2  DG  A "O3'" 1 
ATOM   26  C  "C2'" . DG  A 1 2 ? 6.560   -2.708  3.374   1.00 12.46 ? 2  DG  A "C2'" 1 
ATOM   27  C  "C1'" . DG  A 1 2 ? 6.661   -2.759  4.892   1.00 9.95  ? 2  DG  A "C1'" 1 
ATOM   28  N  N9    . DG  A 1 2 ? 5.420   -2.402  5.547   1.00 12.37 ? 2  DG  A N9    1 
ATOM   29  C  C8    . DG  A 1 2 ? 4.863   -3.076  6.561   1.00 12.33 ? 2  DG  A C8    1 
ATOM   30  N  N7    . DG  A 1 2 ? 3.750   -2.562  7.032   1.00 13.46 ? 2  DG  A N7    1 
ATOM   31  C  C5    . DG  A 1 2 ? 3.542   -1.421  6.309   1.00 14.31 ? 2  DG  A C5    1 
ATOM   32  C  C6    . DG  A 1 2 ? 2.479   -0.468  6.349   1.00 12.82 ? 2  DG  A C6    1 
ATOM   33  O  O6    . DG  A 1 2 ? 1.530   -0.401  7.109   1.00 13.32 ? 2  DG  A O6    1 
ATOM   34  N  N1    . DG  A 1 2 ? 2.649   0.549   5.384   1.00 11.86 ? 2  DG  A N1    1 
ATOM   35  C  C2    . DG  A 1 2 ? 3.688   0.618   4.463   1.00 12.23 ? 2  DG  A C2    1 
ATOM   36  N  N2    . DG  A 1 2 ? 3.715   1.715   3.645   1.00 12.37 ? 2  DG  A N2    1 
ATOM   37  N  N3    . DG  A 1 2 ? 4.675   -0.290  4.435   1.00 11.31 ? 2  DG  A N3    1 
ATOM   38  C  C4    . DG  A 1 2 ? 4.525   -1.292  5.335   1.00 12.49 ? 2  DG  A C4    1 
ATOM   39  P  P     A DC  A 1 3 ? 8.124   -0.921  0.399   0.46 15.19 ? 3  DC  A P     1 
ATOM   40  P  P     B DC  A 1 3 ? 7.403   -2.418  0.319   0.54 15.07 ? 3  DC  A P     1 
ATOM   41  O  OP1   A DC  A 1 3 ? 9.101   -1.673  -0.429  0.52 19.22 ? 3  DC  A OP1   1 
ATOM   42  O  OP1   B DC  A 1 3 ? 6.523   -3.570  0.597   0.48 18.52 ? 3  DC  A OP1   1 
ATOM   43  O  OP2   A DC  A 1 3 ? 8.367   0.504   0.732   0.58 14.74 ? 3  DC  A OP2   1 
ATOM   44  O  OP2   B DC  A 1 3 ? 8.514   -2.767  -0.665  0.42 15.25 ? 3  DC  A OP2   1 
ATOM   45  O  "O5'" . DC  A 1 3 ? 6.671   -1.150  -0.212  1.00 12.63 ? 3  DC  A "O5'" 1 
ATOM   46  C  "C5'" . DC  A 1 3 ? 6.395   -0.979  -1.579  1.00 13.71 ? 3  DC  A "C5'" 1 
ATOM   47  C  "C4'" . DC  A 1 3 ? 5.120   -0.198  -1.809  1.00 11.40 ? 3  DC  A "C4'" 1 
ATOM   48  O  "O4'" . DC  A 1 3 ? 3.923   -0.788  -1.208  1.00 10.36 ? 3  DC  A "O4'" 1 
ATOM   49  C  "C3'" . DC  A 1 3 ? 5.181   1.209   -1.258  1.00 11.43 ? 3  DC  A "C3'" 1 
ATOM   50  O  "O3'" . DC  A 1 3 ? 4.494   2.037   -2.203  1.00 16.18 ? 3  DC  A "O3'" 1 
ATOM   51  C  "C2'" . DC  A 1 3 ? 4.440   1.083   0.093   1.00 10.32 ? 3  DC  A "C2'" 1 
ATOM   52  C  "C1'" . DC  A 1 3 ? 3.317   0.164   -0.323  1.00 9.35  ? 3  DC  A "C1'" 1 
ATOM   53  N  N1    . DC  A 1 3 ? 2.790   -0.607  0.866   1.00 8.66  ? 3  DC  A N1    1 
ATOM   54  C  C2    . DC  A 1 3 ? 1.629   -0.048  1.490   1.00 9.16  ? 3  DC  A C2    1 
ATOM   55  O  O2    . DC  A 1 3 ? 1.198   1.033   1.041   1.00 12.29 ? 3  DC  A O2    1 
ATOM   56  N  N3    . DC  A 1 3 ? 1.079   -0.706  2.501   1.00 9.34  ? 3  DC  A N3    1 
ATOM   57  C  C4    . DC  A 1 3 ? 1.640   -1.830  2.985   1.00 10.53 ? 3  DC  A C4    1 
ATOM   58  N  N4    . DC  A 1 3 ? 1.095   -2.424  4.030   1.00 11.21 ? 3  DC  A N4    1 
ATOM   59  C  C5    . DC  A 1 3 ? 2.780   -2.392  2.366   1.00 10.69 ? 3  DC  A C5    1 
ATOM   60  C  C6    . DC  A 1 3 ? 3.329   -1.799  1.344   1.00 7.82  ? 3  DC  A C6    1 
ATOM   61  P  P     . DG  A 1 4 ? 5.330   2.793   -3.337  1.00 16.21 ? 4  DG  A P     1 
ATOM   62  O  OP1   . DG  A 1 4 ? 6.608   3.318   -2.827  1.00 16.37 ? 4  DG  A OP1   1 
ATOM   63  O  OP2   . DG  A 1 4 ? 4.266   3.728   -3.775  1.00 20.81 ? 4  DG  A OP2   1 
ATOM   64  O  "O5'" . DG  A 1 4 ? 5.556   1.697   -4.507  1.00 13.79 ? 4  DG  A "O5'" 1 
ATOM   65  C  "C5'" . DG  A 1 4 ? 4.444   1.122   -5.131  1.00 16.40 ? 4  DG  A "C5'" 1 
ATOM   66  C  "C4'" . DG  A 1 4 ? 4.956   0.063   -6.046  1.00 9.93  ? 4  DG  A "C4'" 1 
ATOM   67  O  "O4'" . DG  A 1 4 ? 5.605   -0.987  -5.320  1.00 11.59 ? 4  DG  A "O4'" 1 
ATOM   68  C  "C3'" . DG  A 1 4 ? 3.871   -0.598  -6.792  1.00 11.51 ? 4  DG  A "C3'" 1 
ATOM   69  O  "O3'" . DG  A 1 4 ? 3.765   0.072   -8.090  1.00 16.99 ? 4  DG  A "O3'" 1 
ATOM   70  C  "C2'" . DG  A 1 4 ? 4.291   -2.014  -6.881  1.00 12.19 ? 4  DG  A "C2'" 1 
ATOM   71  C  "C1'" . DG  A 1 4 ? 5.255   -2.266  -5.745  1.00 11.13 ? 4  DG  A "C1'" 1 
ATOM   72  N  N9    . DG  A 1 4 ? 4.809   -3.036  -4.601  1.00 10.92 ? 4  DG  A N9    1 
ATOM   73  C  C8    . DG  A 1 4 ? 5.440   -4.109  -4.068  1.00 11.17 ? 4  DG  A C8    1 
ATOM   74  N  N7    . DG  A 1 4 ? 4.882   -4.607  -2.979  1.00 13.92 ? 4  DG  A N7    1 
ATOM   75  C  C5    . DG  A 1 4 ? 3.762   -3.795  -2.808  1.00 12.23 ? 4  DG  A C5    1 
ATOM   76  C  C6    . DG  A 1 4 ? 2.765   -3.853  -1.784  1.00 10.49 ? 4  DG  A C6    1 
ATOM   77  O  O6    . DG  A 1 4 ? 2.665   -4.671  -0.864  1.00 11.35 ? 4  DG  A O6    1 
ATOM   78  N  N1    . DG  A 1 4 ? 1.825   -2.795  -2.029  1.00 11.71 ? 4  DG  A N1    1 
ATOM   79  C  C2    . DG  A 1 4 ? 1.856   -1.861  -3.024  1.00 9.96  ? 4  DG  A C2    1 
ATOM   80  N  N2    . DG  A 1 4 ? 0.881   -0.945  -2.998  1.00 10.93 ? 4  DG  A N2    1 
ATOM   81  N  N3    . DG  A 1 4 ? 2.817   -1.838  -3.952  1.00 9.43  ? 4  DG  A N3    1 
ATOM   82  C  C4    . DG  A 1 4 ? 3.686   -2.831  -3.783  1.00 10.41 ? 4  DG  A C4    1 
ATOM   83  P  P     A DC  A 1 5 ? 2.905   -0.663  -9.308  0.39 15.28 ? 5  DC  A P     1 
ATOM   84  P  P     B DC  A 1 5 ? 2.469   0.949   -8.489  0.61 15.16 ? 5  DC  A P     1 
ATOM   85  O  OP1   A DC  A 1 5 ? 3.025   -2.114  -9.335  0.40 13.39 ? 5  DC  A OP1   1 
ATOM   86  O  OP1   B DC  A 1 5 ? 2.666   1.269   -9.923  0.60 13.69 ? 5  DC  A OP1   1 
ATOM   87  O  OP2   A DC  A 1 5 ? 3.260   0.006   -10.603 0.40 11.31 ? 5  DC  A OP2   1 
ATOM   88  O  OP2   B DC  A 1 5 ? 2.139   1.984   -7.485  0.60 11.99 ? 5  DC  A OP2   1 
ATOM   89  O  "O5'" . DC  A 1 5 ? 1.445   -0.327  -8.696  1.00 12.88 ? 5  DC  A "O5'" 1 
ATOM   90  C  "C5'" . DC  A 1 5 ? 0.256   -0.205  -9.520  1.00 14.05 ? 5  DC  A "C5'" 1 
ATOM   91  C  "C4'" . DC  A 1 5 ? -0.981  -0.303  -8.656  1.00 13.38 ? 5  DC  A "C4'" 1 
ATOM   92  O  "O4'" . DC  A 1 5 ? -1.066  -1.690  -8.162  1.00 13.90 ? 5  DC  A "O4'" 1 
ATOM   93  C  "C3'" . DC  A 1 5 ? -1.022  0.610   -7.434  1.00 12.11 ? 5  DC  A "C3'" 1 
ATOM   94  O  "O3'" . DC  A 1 5 ? -2.366  0.967   -7.376  1.00 15.56 ? 5  DC  A "O3'" 1 
ATOM   95  C  "C2'" . DC  A 1 5 ? -0.637  -0.313  -6.267  1.00 11.21 ? 5  DC  A "C2'" 1 
ATOM   96  C  "C1'" . DC  A 1 5 ? -1.299  -1.626  -6.718  1.00 10.47 ? 5  DC  A "C1'" 1 
ATOM   97  N  N1    . DC  A 1 5 ? -0.540  -2.785  -6.086  1.00 9.75  ? 5  DC  A N1    1 
ATOM   98  C  C2    . DC  A 1 5 ? -1.121  -3.365  -4.956  1.00 8.78  ? 5  DC  A C2    1 
ATOM   99  O  O2    . DC  A 1 5 ? -2.155  -2.913  -4.499  1.00 11.41 ? 5  DC  A O2    1 
ATOM   100 N  N3    . DC  A 1 5 ? -0.483  -4.433  -4.390  1.00 10.09 ? 5  DC  A N3    1 
ATOM   101 C  C4    . DC  A 1 5 ? 0.698   -4.888  -4.835  1.00 11.94 ? 5  DC  A C4    1 
ATOM   102 N  N4    . DC  A 1 5 ? 1.260   -5.927  -4.235  1.00 9.13  ? 5  DC  A N4    1 
ATOM   103 C  C5    . DC  A 1 5 ? 1.299   -4.339  -6.001  1.00 12.50 ? 5  DC  A C5    1 
ATOM   104 C  C6    . DC  A 1 5 ? 0.636   -3.311  -6.567  1.00 8.00  ? 5  DC  A C6    1 
ATOM   105 P  P     . DA  A 1 6 ? -2.962  2.351   -7.979  1.00 17.67 ? 6  DA  A P     1 
ATOM   106 O  OP1   . DA  A 1 6 ? -2.022  3.330   -7.500  1.00 15.89 ? 6  DA  A OP1   1 
ATOM   107 O  OP2   . DA  A 1 6 ? -4.399  2.389   -7.643  1.00 21.13 ? 6  DA  A OP2   1 
ATOM   108 O  "O5'" . DA  A 1 6 ? -2.898  2.200   -9.536  1.00 15.36 ? 6  DA  A "O5'" 1 
ATOM   109 C  "C5'" . DA  A 1 6 ? -3.861  1.415   -10.190 1.00 12.52 ? 6  DA  A "C5'" 1 
ATOM   110 C  "C4'" . DA  A 1 6 ? -3.495  1.412   -11.648 1.00 12.46 ? 6  DA  A "C4'" 1 
ATOM   111 O  "O4'" . DA  A 1 6 ? -2.317  0.568   -11.809 1.00 11.13 ? 6  DA  A "O4'" 1 
ATOM   112 C  "C3'" . DA  A 1 6 ? -4.527  0.825   -12.657 1.00 16.61 ? 6  DA  A "C3'" 1 
ATOM   113 O  "O3'" . DA  A 1 6 ? -4.279  1.357   -14.070 1.00 21.77 ? 6  DA  A "O3'" 1 
ATOM   114 C  "C2'" . DA  A 1 6 ? -4.173  -0.611  -12.728 1.00 14.29 ? 6  DA  A "C2'" 1 
ATOM   115 C  "C1'" . DA  A 1 6 ? -2.653  -0.524  -12.680 1.00 12.32 ? 6  DA  A "C1'" 1 
ATOM   116 N  N9    . DA  A 1 6 ? -2.033  -1.747  -12.187 1.00 11.91 ? 6  DA  A N9    1 
ATOM   117 C  C8    . DA  A 1 6 ? -0.916  -2.348  -12.605 1.00 17.29 ? 6  DA  A C8    1 
ATOM   118 N  N7    . DA  A 1 6 ? -0.624  -3.391  -11.809 1.00 15.98 ? 6  DA  A N7    1 
ATOM   119 C  C5    . DA  A 1 6 ? -1.580  -3.484  -10.853 1.00 15.86 ? 6  DA  A C5    1 
ATOM   120 C  C6    . DA  A 1 6 ? -1.817  -4.342  -9.696  1.00 14.11 ? 6  DA  A C6    1 
ATOM   121 N  N6    . DA  A 1 6 ? -1.060  -5.341  -9.392  1.00 13.43 ? 6  DA  A N6    1 
ATOM   122 N  N1    . DA  A 1 6 ? -2.864  -4.087  -8.902  1.00 14.98 ? 6  DA  A N1    1 
ATOM   123 C  C2    . DA  A 1 6 ? -3.694  -3.045  -9.094  1.00 17.05 ? 6  DA  A C2    1 
ATOM   124 N  N3    . DA  A 1 6 ? -3.513  -2.201  -10.130 1.00 15.00 ? 6  DA  A N3    1 
ATOM   125 C  C4    . DA  A 1 6 ? -2.415  -2.428  -10.965 1.00 12.20 ? 6  DA  A C4    1 
ATOM   126 O  "O5'" . DT  B 2 1 ? -3.966  -10.232 -2.816  1.00 13.80 ? 7  DT  B "O5'" 1 
ATOM   127 C  "C5'" . DT  B 2 1 ? -4.278  -9.312  -1.713  1.00 12.50 ? 7  DT  B "C5'" 1 
ATOM   128 C  "C4'" . DT  B 2 1 ? -4.765  -7.963  -2.261  1.00 13.39 ? 7  DT  B "C4'" 1 
ATOM   129 O  "O4'" . DT  B 2 1 ? -3.663  -7.308  -2.889  1.00 13.61 ? 7  DT  B "O4'" 1 
ATOM   130 C  "C3'" . DT  B 2 1 ? -5.806  -8.007  -3.344  1.00 13.55 ? 7  DT  B "C3'" 1 
ATOM   131 O  "O3'" . DT  B 2 1 ? -6.653  -6.814  -3.167  1.00 16.18 ? 7  DT  B "O3'" 1 
ATOM   132 C  "C2'" . DT  B 2 1 ? -5.041  -7.947  -4.700  1.00 13.56 ? 7  DT  B "C2'" 1 
ATOM   133 C  "C1'" . DT  B 2 1 ? -3.891  -7.007  -4.278  1.00 12.90 ? 7  DT  B "C1'" 1 
ATOM   134 N  N1    . DT  B 2 1 ? -2.637  -7.260  -5.048  1.00 12.65 ? 7  DT  B N1    1 
ATOM   135 C  C2    . DT  B 2 1 ? -2.491  -6.462  -6.183  1.00 15.19 ? 7  DT  B C2    1 
ATOM   136 O  O2    . DT  B 2 1 ? -3.387  -5.675  -6.437  1.00 14.02 ? 7  DT  B O2    1 
ATOM   137 N  N3    . DT  B 2 1 ? -1.372  -6.691  -6.963  1.00 13.03 ? 7  DT  B N3    1 
ATOM   138 C  C4    . DT  B 2 1 ? -0.418  -7.616  -6.682  1.00 14.53 ? 7  DT  B C4    1 
ATOM   139 O  O4    . DT  B 2 1 ? 0.519   -7.738  -7.451  1.00 15.35 ? 7  DT  B O4    1 
ATOM   140 C  C5    . DT  B 2 1 ? -0.577  -8.385  -5.483  1.00 14.71 ? 7  DT  B C5    1 
ATOM   141 C  C7    . DT  B 2 1 ? 0.605   -9.251  -5.061  1.00 15.93 ? 7  DT  B C7    1 
ATOM   142 C  C6    . DT  B 2 1 ? -1.664  -8.196  -4.686  1.00 11.74 ? 7  DT  B C6    1 
ATOM   143 P  P     . DG  B 2 2 ? -8.023  -6.857  -2.401  1.00 18.86 ? 8  DG  B P     1 
ATOM   144 O  OP1   . DG  B 2 2 ? -8.782  -8.091  -2.771  1.00 19.87 ? 8  DG  B OP1   1 
ATOM   145 O  OP2   . DG  B 2 2 ? -8.533  -5.498  -2.782  1.00 23.17 ? 8  DG  B OP2   1 
ATOM   146 O  "O5'" . DG  B 2 2 ? -7.725  -6.909  -0.866  1.00 17.52 ? 8  DG  B "O5'" 1 
ATOM   147 C  "C5'" . DG  B 2 2 ? -7.001  -5.923  -0.328  1.00 14.76 ? 8  DG  B "C5'" 1 
ATOM   148 C  "C4'" . DG  B 2 2 ? -6.615  -6.293  1.098   1.00 17.51 ? 8  DG  B "C4'" 1 
ATOM   149 O  "O4'" . DG  B 2 2 ? -5.564  -7.224  0.999   1.00 14.03 ? 8  DG  B "O4'" 1 
ATOM   150 C  "C3'" . DG  B 2 2 ? -5.924  -5.186  1.878   1.00 16.25 ? 8  DG  B "C3'" 1 
ATOM   151 O  "O3'" . DG  B 2 2 ? -6.843  -4.467  2.619   1.00 19.57 ? 8  DG  B "O3'" 1 
ATOM   152 C  "C2'" . DG  B 2 2 ? -4.838  -5.789  2.712   1.00 14.81 ? 8  DG  B "C2'" 1 
ATOM   153 C  "C1'" . DG  B 2 2 ? -4.569  -7.034  2.003   1.00 14.48 ? 8  DG  B "C1'" 1 
ATOM   154 N  N9    . DG  B 2 2 ? -3.336  -7.166  1.288   1.00 12.88 ? 8  DG  B N9    1 
ATOM   155 C  C8    . DG  B 2 2 ? -2.382  -8.072  1.501   1.00 11.15 ? 8  DG  B C8    1 
ATOM   156 N  N7    . DG  B 2 2 ? -1.386  -8.111  0.712   1.00 15.10 ? 8  DG  B N7    1 
ATOM   157 C  C5    . DG  B 2 2 ? -1.662  -7.016  -0.128  1.00 11.51 ? 8  DG  B C5    1 
ATOM   158 C  C6    . DG  B 2 2 ? -0.967  -6.524  -1.266  1.00 11.35 ? 8  DG  B C6    1 
ATOM   159 O  O6    . DG  B 2 2 ? 0.096   -6.895  -1.719  1.00 13.64 ? 8  DG  B O6    1 
ATOM   160 N  N1    . DG  B 2 2 ? -1.621  -5.424  -1.879  1.00 12.68 ? 8  DG  B N1    1 
ATOM   161 C  C2    . DG  B 2 2 ? -2.856  -4.928  -1.484  1.00 13.81 ? 8  DG  B C2    1 
ATOM   162 N  N2    . DG  B 2 2 ? -3.390  -3.878  -2.125  1.00 11.02 ? 8  DG  B N2    1 
ATOM   163 N  N3    . DG  B 2 2 ? -3.504  -5.359  -0.379  1.00 12.40 ? 8  DG  B N3    1 
ATOM   164 C  C4    . DG  B 2 2 ? -2.866  -6.442  0.206   1.00 12.34 ? 8  DG  B C4    1 
ATOM   165 P  P     A DC  B 2 3 ? -6.468  -3.266  3.667   0.57 14.78 ? 9  DC  B P     1 
ATOM   166 P  P     B DC  B 2 3 ? -7.347  -2.958  2.319   0.43 14.76 ? 9  DC  B P     1 
ATOM   167 O  OP1   A DC  B 2 3 ? -5.381  -3.634  4.596   0.57 14.89 ? 9  DC  B OP1   1 
ATOM   168 O  OP1   B DC  B 2 3 ? -8.278  -2.531  3.438   0.43 14.36 ? 9  DC  B OP1   1 
ATOM   169 O  OP2   A DC  B 2 3 ? -7.780  -2.795  4.177   0.46 16.29 ? 9  DC  B OP2   1 
ATOM   170 O  OP2   B DC  B 2 3 ? -7.723  -2.800  0.873   0.54 16.94 ? 9  DC  B OP2   1 
ATOM   171 O  "O5'" . DC  B 2 3 ? -5.963  -2.186  2.650   1.00 15.39 ? 9  DC  B "O5'" 1 
ATOM   172 C  "C5'" . DC  B 2 3 ? -5.947  -0.800  2.947   1.00 11.51 ? 9  DC  B "C5'" 1 
ATOM   173 C  "C4'" . DC  B 2 3 ? -5.080  -0.041  1.930   1.00 10.59 ? 9  DC  B "C4'" 1 
ATOM   174 O  "O4'" . DC  B 2 3 ? -3.704  -0.437  2.013   1.00 12.29 ? 9  DC  B "O4'" 1 
ATOM   175 C  "C3'" . DC  B 2 3 ? -5.479  -0.201  0.511   1.00 11.72 ? 9  DC  B "C3'" 1 
ATOM   176 O  "O3'" . DC  B 2 3 ? -5.268  1.093   -0.057  1.00 15.65 ? 9  DC  B "O3'" 1 
ATOM   177 C  "C2'" . DC  B 2 3 ? -4.463  -1.186  0.021   1.00 10.36 ? 9  DC  B "C2'" 1 
ATOM   178 C  "C1'" . DC  B 2 3 ? -3.245  -0.725  0.731   1.00 10.97 ? 9  DC  B "C1'" 1 
ATOM   179 N  N1    . DC  B 2 3 ? -2.205  -1.800  0.873   1.00 8.37  ? 9  DC  B N1    1 
ATOM   180 C  C2    . DC  B 2 3 ? -1.161  -1.846  -0.090  1.00 9.80  ? 9  DC  B C2    1 
ATOM   181 O  O2    . DC  B 2 3 ? -1.122  -0.985  -0.939  1.00 11.88 ? 9  DC  B O2    1 
ATOM   182 N  N3    . DC  B 2 3 ? -0.210  -2.783  0.021   1.00 10.85 ? 9  DC  B N3    1 
ATOM   183 C  C4    . DC  B 2 3 ? -0.316  -3.706  1.033   1.00 11.09 ? 9  DC  B C4    1 
ATOM   184 N  N4    . DC  B 2 3 ? 0.625   -4.688  1.172   1.00 10.96 ? 9  DC  B N4    1 
ATOM   185 C  C5    . DC  B 2 3 ? -1.377  -3.706  2.008   1.00 11.64 ? 9  DC  B C5    1 
ATOM   186 C  C6    . DC  B 2 3 ? -2.281  -2.759  1.869   1.00 10.02 ? 9  DC  B C6    1 
ATOM   187 P  P     . DG  B 2 4 ? -6.506  2.108   -0.231  1.00 19.96 ? 10 DG  B P     1 
ATOM   188 O  OP1   . DG  B 2 4 ? -7.740  1.332   -0.243  1.00 20.21 ? 10 DG  B OP1   1 
ATOM   189 O  OP2   . DG  B 2 4 ? -6.066  3.016   -1.237  1.00 17.87 ? 10 DG  B OP2   1 
ATOM   190 O  "O5'" . DG  B 2 4 ? -6.594  2.861   1.199   1.00 15.52 ? 10 DG  B "O5'" 1 
ATOM   191 C  "C5'" . DG  B 2 4 ? -5.613  3.709   1.665   1.00 11.18 ? 10 DG  B "C5'" 1 
ATOM   192 C  "C4'" . DG  B 2 4 ? -6.031  4.039   3.065   1.00 9.93  ? 10 DG  B "C4'" 1 
ATOM   193 O  "O4'" . DG  B 2 4 ? -6.089  2.824   3.825   1.00 11.36 ? 10 DG  B "O4'" 1 
ATOM   194 C  "C3'" . DG  B 2 4 ? -4.912  4.811   3.734   1.00 14.68 ? 10 DG  B "C3'" 1 
ATOM   195 O  "O3'" . DG  B 2 4 ? -5.213  6.257   3.686   1.00 14.26 ? 10 DG  B "O3'" 1 
ATOM   196 C  "C2'" . DG  B 2 4 ? -4.875  4.391   5.145   1.00 14.33 ? 10 DG  B "C2'" 1 
ATOM   197 C  "C1'" . DG  B 2 4 ? -5.548  3.025   5.130   1.00 10.87 ? 10 DG  B "C1'" 1 
ATOM   198 N  N9    . DG  B 2 4 ? -4.634  1.936   5.387   1.00 9.36  ? 10 DG  B N9    1 
ATOM   199 C  C8    . DG  B 2 4 ? -4.836  0.998   6.317   1.00 9.48  ? 10 DG  B C8    1 
ATOM   200 N  N7    . DG  B 2 4 ? -3.926  0.088   6.386   1.00 13.14 ? 10 DG  B N7    1 
ATOM   201 C  C5    . DG  B 2 4 ? -3.014  0.452   5.327   1.00 10.50 ? 10 DG  B C5    1 
ATOM   202 C  C6    . DG  B 2 4 ? -1.816  -0.101  4.864   1.00 11.26 ? 10 DG  B C6    1 
ATOM   203 O  O6    . DG  B 2 4 ? -1.288  -1.175  5.273   1.00 13.79 ? 10 DG  B O6    1 
ATOM   204 N  N1    . DG  B 2 4 ? -1.246  0.622   3.827   1.00 8.61  ? 10 DG  B N1    1 
ATOM   205 C  C2    . DG  B 2 4 ? -1.799  1.749   3.205   1.00 8.81  ? 10 DG  B C2    1 
ATOM   206 N  N2    . DG  B 2 4 ? -1.120  2.309   2.145   1.00 11.30 ? 10 DG  B N2    1 
ATOM   207 N  N3    . DG  B 2 4 ? -2.911  2.315   3.660   1.00 9.79  ? 10 DG  B N3    1 
ATOM   208 C  C4    . DG  B 2 4 ? -3.466  1.606   4.683   1.00 8.58  ? 10 DG  B C4    1 
ATOM   209 P  P     A DC  B 2 5 ? -4.354  7.373   4.491   0.47 13.96 ? 11 DC  B P     1 
ATOM   210 P  P     B DC  B 2 5 ? -4.339  7.273   2.715   0.53 14.00 ? 11 DC  B P     1 
ATOM   211 O  OP1   A DC  B 2 5 ? -3.954  6.978   5.852   0.58 14.95 ? 11 DC  B OP1   1 
ATOM   212 O  OP1   B DC  B 2 5 ? -5.016  8.588   2.848   0.42 15.10 ? 11 DC  B OP1   1 
ATOM   213 O  OP2   A DC  B 2 5 ? -5.142  8.621   4.321   0.42 14.37 ? 11 DC  B OP2   1 
ATOM   214 O  OP2   B DC  B 2 5 ? -3.993  6.771   1.357   0.58 13.69 ? 11 DC  B OP2   1 
ATOM   215 O  "O5'" . DC  B 2 5 ? -3.031  7.330   3.572   1.00 14.55 ? 11 DC  B "O5'" 1 
ATOM   216 C  "C5'" . DC  B 2 5 ? -2.097  8.473   3.516   1.00 11.58 ? 11 DC  B "C5'" 1 
ATOM   217 C  "C4'" . DC  B 2 5 ? -0.672  8.034   3.177   1.00 13.30 ? 11 DC  B "C4'" 1 
ATOM   218 O  "O4'" . DC  B 2 5 ? -0.229  7.174   4.227   1.00 15.44 ? 11 DC  B "O4'" 1 
ATOM   219 C  "C3'" . DC  B 2 5 ? -0.553  7.193   1.939   1.00 15.14 ? 11 DC  B "C3'" 1 
ATOM   220 O  "O3'" . DC  B 2 5 ? 0.713   7.492   1.356   1.00 14.19 ? 11 DC  B "O3'" 1 
ATOM   221 C  "C2'" . DC  B 2 5 ? -0.454  5.772   2.440   1.00 12.31 ? 11 DC  B "C2'" 1 
ATOM   222 C  "C1'" . DC  B 2 5 ? 0.320   5.986   3.671   1.00 11.71 ? 11 DC  B "C1'" 1 
ATOM   223 N  N1    . DC  B 2 5 ? 0.100   4.930   4.676   1.00 10.85 ? 11 DC  B N1    1 
ATOM   224 C  C2    . DC  B 2 5 ? 0.993   3.823   4.730   1.00 11.45 ? 11 DC  B C2    1 
ATOM   225 O  O2    . DC  B 2 5 ? 1.972   3.841   3.956   1.00 13.95 ? 11 DC  B O2    1 
ATOM   226 N  N3    . DC  B 2 5 ? 0.780   2.843   5.604   1.00 11.81 ? 11 DC  B N3    1 
ATOM   227 C  C4    . DC  B 2 5 ? -0.264  2.784   6.453   1.00 10.77 ? 11 DC  B C4    1 
ATOM   228 N  N4    . DC  B 2 5 ? -0.455  1.789   7.291   1.00 14.57 ? 11 DC  B N4    1 
ATOM   229 C  C5    . DC  B 2 5 ? -1.225  3.880   6.448   1.00 13.07 ? 11 DC  B C5    1 
ATOM   230 C  C6    . DC  B 2 5 ? -0.992  4.855   5.531   1.00 12.67 ? 11 DC  B C6    1 
ATOM   231 P  P     . DG  B 2 6 ? 0.791   8.529   0.129   1.00 21.12 ? 12 DG  B P     1 
ATOM   232 O  OP1   . DG  B 2 6 ? -0.274  8.310   -0.837  1.00 18.64 ? 12 DG  B OP1   1 
ATOM   233 O  OP2   . DG  B 2 6 ? 2.238   8.491   -0.145  1.00 25.25 ? 12 DG  B OP2   1 
ATOM   234 O  "O5'" . DG  B 2 6 ? 0.547   10.029  0.708   1.00 17.95 ? 12 DG  B "O5'" 1 
ATOM   235 C  "C5'" . DG  B 2 6 ? 1.543   10.651  1.318   1.00 15.16 ? 12 DG  B "C5'" 1 
ATOM   236 C  "C4'" . DG  B 2 6 ? 0.953   11.944  1.870   1.00 13.30 ? 12 DG  B "C4'" 1 
ATOM   237 O  "O4'" . DG  B 2 6 ? 0.030   11.637  2.908   1.00 14.65 ? 12 DG  B "O4'" 1 
ATOM   238 C  "C3'" . DG  B 2 6 ? 2.009   12.884  2.426   1.00 16.19 ? 12 DG  B "C3'" 1 
ATOM   239 O  "O3'" . DG  B 2 6 ? 1.600   14.272  2.382   1.00 18.27 ? 12 DG  B "O3'" 1 
ATOM   240 C  "C2'" . DG  B 2 6 ? 1.988   12.504  3.869   1.00 11.38 ? 12 DG  B "C2'" 1 
ATOM   241 C  "C1'" . DG  B 2 6 ? 0.516   12.164  4.122   1.00 15.03 ? 12 DG  B "C1'" 1 
ATOM   242 N  N9    . DG  B 2 6 ? 0.260   11.192  5.150   1.00 15.44 ? 12 DG  B N9    1 
ATOM   243 C  C8    . DG  B 2 6 ? -0.793  11.271  6.027   1.00 17.57 ? 12 DG  B C8    1 
ATOM   244 N  N7    . DG  B 2 6 ? -0.790  10.260  6.812   1.00 16.32 ? 12 DG  B N7    1 
ATOM   245 C  C5    . DG  B 2 6 ? 0.294   9.439   6.488   1.00 17.09 ? 12 DG  B C5    1 
ATOM   246 C  C6    . DG  B 2 6 ? 0.841   8.186   6.949   1.00 17.64 ? 12 DG  B C6    1 
ATOM   247 O  O6    . DG  B 2 6 ? 0.431   7.422   7.827   1.00 21.17 ? 12 DG  B O6    1 
ATOM   248 N  N1    . DG  B 2 6 ? 1.940   7.732   6.295   1.00 14.80 ? 12 DG  B N1    1 
ATOM   249 C  C2    . DG  B 2 6 ? 2.522   8.373   5.260   1.00 13.19 ? 12 DG  B C2    1 
ATOM   250 N  N2    . DG  B 2 6 ? 3.598   7.792   4.673   1.00 18.75 ? 12 DG  B N2    1 
ATOM   251 N  N3    . DG  B 2 6 ? 2.053   9.548   4.802   1.00 16.56 ? 12 DG  B N3    1 
ATOM   252 C  C4    . DG  B 2 6 ? 0.934   10.019  5.445   1.00 13.27 ? 12 DG  B C4    1 
HETATM 253 N  N1    . NRU C 3 . ? 2.333   -4.006  -12.259 0.70 28.53 ? 13 NRU A N1    1 
HETATM 254 RU RU    . NRU C 3 . ? 2.430   -5.844  -11.318 0.70 30.18 ? 13 NRU A RU    1 
HETATM 255 N  N4    . NRU C 3 . ? 1.931   -4.960  -9.473  0.70 30.75 ? 13 NRU A N4    1 
HETATM 256 N  N5    . NRU C 3 . ? 4.497   -5.698  -11.019 0.70 29.16 ? 13 NRU A N5    1 
HETATM 257 N  N2    . NRU C 3 . ? 2.436   -7.741  -10.409 0.70 28.96 ? 13 NRU A N2    1 
HETATM 258 N  N3    . NRU C 3 . ? 2.884   -6.636  -13.216 0.70 27.40 ? 13 NRU A N3    1 
HETATM 259 N  N6    . NRU C 3 . ? 0.395   -6.061  -11.714 0.70 32.13 ? 13 NRU A N6    1 
HETATM 260 O  O     . HOH D 4 . ? 6.310   2.760   2.337   1.00 20.74 ? 15 HOH A O     1 
HETATM 261 O  O     . HOH D 4 . ? 0.997   1.741   -4.341  1.00 18.71 ? 18 HOH A O     1 
HETATM 262 O  O     . HOH D 4 . ? 9.145   2.078   -1.965  1.00 18.26 ? 19 HOH A O     1 
HETATM 263 O  O     . HOH D 4 . ? 4.282   -5.605  -7.724  1.00 38.59 ? 21 HOH A O     1 
HETATM 264 O  O     . HOH D 4 . ? 1.977   3.741   0.566   1.00 25.98 ? 24 HOH A O     1 
HETATM 265 O  O     . HOH D 4 . ? 4.165   -5.337  3.563   1.00 26.58 ? 25 HOH A O     1 
HETATM 266 O  O     . HOH D 4 . ? 10.696  -3.456  2.567   1.00 28.35 ? 26 HOH A O     1 
HETATM 267 O  O     . HOH D 4 . ? 1.705   3.792   -3.064  1.00 27.39 ? 28 HOH A O     1 
HETATM 268 O  O     . HOH D 4 . ? 8.495   1.393   11.011  1.00 31.00 ? 29 HOH A O     1 
HETATM 269 O  O     . HOH D 4 . ? 8.891   4.460   10.571  1.00 26.02 ? 33 HOH A O     1 
HETATM 270 O  O     . HOH D 4 . ? -5.017  -3.247  -5.436  1.00 27.58 ? 36 HOH A O     1 
HETATM 271 O  O     . HOH D 4 . ? 4.105   -1.489  11.169  1.00 43.49 ? 37 HOH A O     1 
HETATM 272 O  O     . HOH D 4 . ? 2.059   -5.144  4.943   1.00 25.66 ? 38 HOH A O     1 
HETATM 273 O  O     . HOH D 4 . ? 3.523   -6.817  -5.367  1.00 42.92 ? 43 HOH A O     1 
HETATM 274 O  O     . HOH D 4 . ? 11.627  -1.855  1.336   1.00 41.72 ? 48 HOH A O     1 
HETATM 275 O  O     . HOH D 4 . ? 6.504   6.629   6.241   1.00 39.46 ? 54 HOH A O     1 
HETATM 276 O  O     . HOH D 4 . ? -1.767  5.964   9.868   0.50 24.11 ? 59 HOH A O     1 
HETATM 277 O  O     . HOH D 4 . ? 2.566   -3.876  9.397   0.50 23.46 ? 61 HOH A O     1 
HETATM 278 O  O     . HOH E 4 . ? -6.452  -2.866  -2.106  1.00 16.73 ? 14 HOH B O     1 
HETATM 279 O  O     . HOH E 4 . ? -2.394  4.283   0.178   1.00 20.48 ? 16 HOH B O     1 
HETATM 280 O  O     . HOH E 4 . ? -6.295  -11.843 -3.482  1.00 16.40 ? 17 HOH B O     1 
HETATM 281 O  O     . HOH E 4 . ? -0.492  1.877   -1.377  1.00 23.47 ? 20 HOH B O     1 
HETATM 282 O  O     . HOH E 4 . ? -2.796  -0.357  -3.150  1.00 20.50 ? 22 HOH B O     1 
HETATM 283 O  O     . HOH E 4 . ? -8.695  1.237   3.821   1.00 23.89 ? 23 HOH B O     1 
HETATM 284 O  O     . HOH E 4 . ? 0.372   -6.908  3.358   1.00 27.06 ? 27 HOH B O     1 
HETATM 285 O  O     . HOH E 4 . ? 4.543   8.704   1.836   1.00 27.92 ? 30 HOH B O     1 
HETATM 286 O  O     . HOH E 4 . ? -3.167  -7.874  4.731   1.00 38.27 ? 31 HOH B O     1 
HETATM 287 O  O     . HOH E 4 . ? -10.177 3.746   -0.104  1.00 27.70 ? 32 HOH B O     1 
HETATM 288 O  O     . HOH E 4 . ? -1.000  12.507  9.361   1.00 34.87 ? 34 HOH B O     1 
HETATM 289 O  O     . HOH E 4 . ? 4.603   5.234   3.535   1.00 28.00 ? 35 HOH B O     1 
HETATM 290 O  O     . HOH E 4 . ? -9.510  -5.389  3.922   1.00 32.35 ? 39 HOH B O     1 
HETATM 291 O  O     . HOH E 4 . ? -8.546  -1.493  -1.982  1.00 42.94 ? 40 HOH B O     1 
HETATM 292 O  O     . HOH E 4 . ? -10.499 -4.156  -1.748  1.00 41.19 ? 41 HOH B O     1 
HETATM 293 O  O     . HOH E 4 . ? 0.718   -9.022  1.618   1.00 29.14 ? 42 HOH B O     1 
HETATM 294 O  O     . HOH E 4 . ? -8.187  5.212   -1.709  1.00 35.22 ? 44 HOH B O     1 
HETATM 295 O  O     . HOH E 4 . ? -1.771  -4.033  8.847   1.00 39.82 ? 45 HOH B O     1 
HETATM 296 O  O     . HOH E 4 . ? -1.537  11.113  -0.930  1.00 35.09 ? 46 HOH B O     1 
HETATM 297 O  O     . HOH E 4 . ? -5.117  10.447  0.998   1.00 36.87 ? 47 HOH B O     1 
HETATM 298 O  O     . HOH E 4 . ? -6.267  -5.903  6.338   1.00 33.73 ? 49 HOH B O     1 
HETATM 299 O  O     . HOH E 4 . ? 4.159   15.226  3.011   1.00 20.21 ? 50 HOH B O     1 
HETATM 300 O  O     . HOH E 4 . ? -9.019  6.518   0.930   1.00 31.25 ? 51 HOH B O     1 
HETATM 301 O  O     . HOH E 4 . ? 0.107   -10.239 -1.347  1.00 45.41 ? 52 HOH B O     1 
HETATM 302 O  O     . HOH E 4 . ? -3.504  -6.150  8.298   1.00 53.60 ? 53 HOH B O     1 
HETATM 303 O  O     . HOH E 4 . ? -0.750  5.570   -1.801  1.00 31.35 ? 55 HOH B O     1 
HETATM 304 O  O     . HOH E 4 . ? -2.596  7.858   8.012   1.00 29.39 ? 56 HOH B O     1 
HETATM 305 O  O     . HOH E 4 . ? -2.022  -4.765  5.041   1.00 38.04 ? 57 HOH B O     1 
HETATM 306 O  O     . HOH E 4 . ? 2.475   -8.371  -2.026  0.50 22.51 ? 58 HOH B O     1 
HETATM 307 O  O     . HOH E 4 . ? -7.579  9.257   4.515   0.50 22.44 ? 60 HOH B O     1 
# 
